data_6ILD
#
_entry.id   6ILD
#
_cell.length_a   96.511
_cell.length_b   100.074
_cell.length_c   270.980
_cell.angle_alpha   90.000
_cell.angle_beta   90.000
_cell.angle_gamma   90.000
#
_symmetry.space_group_name_H-M   'C 2 2 21'
#
loop_
_entity.id
_entity.type
_entity.pdbx_description
1 polymer 'Lysine--tRNA ligase'
2 polymer 'Aminoacyl tRNA synthase complex-interacting multifunctional protein 2'
3 non-polymer LYSINE
4 non-polymer GLYCEROL
5 non-polymer 'MAGNESIUM ION'
6 non-polymer "5'-O-[(S)-hydroxy(methyl)phosphoryl]adenosine"
7 water water
#
loop_
_entity_poly.entity_id
_entity_poly.type
_entity_poly.pdbx_seq_one_letter_code
_entity_poly.pdbx_strand_id
1 'polypeptide(L)'
;MSVDPNQYYKIRSQAIHQLKVNGEDPYPHKFHVDISLTDFIQKYSHLQPGDHLTDITLKVAGRIHAKRASGGKLIFYDLR
GEGVKLQVMANSRNYKSEEEFIHINNKLRRGDIIGVQGNPGKTKKGELSIIPYEITLLSPCLHMLPHLHFGLKDKETRYR
QRYLDLILNDFVRQKFIIRSKIITYIRSFLDELGFLEIETPMMNIIPGGAVAKPFITYHNELDMNLYMRIAPELYHKMLV
VGGIDRVYEIGRQFRNEGIDLTHNPEFTTCEFYMAYADYHDLMEITEKMVSGMVKHITGSYKVTYHPDGPEGQAYDVDFT
PPFRRINMVEELEKALGMKLPETNLFETEETRKILDDICVAKAVECPPPRTTARLLDKLVGEFLEVTCINPTFICDHPQI
MSPLAKWHRSKEGLTERFELFVMKKEICNAYTELNDPMRQRQLFEEQAKAKAAGDDEAMFIDENFCTALEYGLPPTAGWG
MGIDRVAMFLTDSNNIKEVLLFPAMKPEDKKEN
;
A,B
2 'polypeptide(L)' MPMYQVKPYHGGGAPLRVELPTCMYRLPNVHGRSYGLEHHHHHH C
#
# COMPACT_ATOMS: atom_id res chain seq x y z
N ASP A 4 -28.29 -16.54 28.99
CA ASP A 4 -27.91 -15.41 29.84
C ASP A 4 -27.30 -14.27 28.98
N PRO A 5 -26.23 -14.53 28.20
CA PRO A 5 -25.80 -13.50 27.25
C PRO A 5 -26.88 -13.12 26.23
N ASN A 6 -27.72 -14.09 25.80
CA ASN A 6 -28.86 -13.72 24.97
C ASN A 6 -29.87 -12.90 25.76
N GLN A 7 -30.11 -13.29 27.01
CA GLN A 7 -30.98 -12.49 27.86
C GLN A 7 -30.36 -11.13 28.16
N TYR A 8 -29.04 -11.08 28.32
CA TYR A 8 -28.38 -9.80 28.61
C TYR A 8 -28.64 -8.83 27.46
N TYR A 9 -28.48 -9.32 26.23
CA TYR A 9 -28.62 -8.48 25.06
C TYR A 9 -30.05 -7.98 24.93
N LYS A 10 -31.03 -8.86 25.14
CA LYS A 10 -32.41 -8.43 24.99
CA LYS A 10 -32.41 -8.43 24.98
C LYS A 10 -32.75 -7.35 26.00
N ILE A 11 -32.28 -7.51 27.24
CA ILE A 11 -32.63 -6.56 28.29
C ILE A 11 -31.92 -5.23 28.05
N ARG A 12 -30.63 -5.27 27.71
CA ARG A 12 -29.91 -4.03 27.46
C ARG A 12 -30.40 -3.34 26.20
N SER A 13 -30.71 -4.09 25.15
CA SER A 13 -31.29 -3.46 23.96
C SER A 13 -32.59 -2.75 24.30
N GLN A 14 -33.41 -3.37 25.15
CA GLN A 14 -34.65 -2.74 25.56
C GLN A 14 -34.40 -1.49 26.39
N ALA A 15 -33.40 -1.53 27.27
CA ALA A 15 -33.12 -0.33 28.07
C ALA A 15 -32.63 0.81 27.19
N ILE A 16 -31.78 0.50 26.21
CA ILE A 16 -31.23 1.55 25.36
C ILE A 16 -32.34 2.13 24.50
N HIS A 17 -33.24 1.27 24.03
CA HIS A 17 -34.39 1.77 23.29
C HIS A 17 -35.25 2.71 24.12
N GLN A 18 -35.43 2.39 25.40
CA GLN A 18 -36.22 3.28 26.27
C GLN A 18 -35.52 4.61 26.49
N LEU A 19 -34.18 4.64 26.49
CA LEU A 19 -33.50 5.92 26.57
C LEU A 19 -33.80 6.79 25.36
N LYS A 20 -33.95 6.16 24.18
CA LYS A 20 -34.29 6.93 22.99
C LYS A 20 -35.70 7.50 23.11
N VAL A 21 -36.64 6.70 23.60
CA VAL A 21 -38.02 7.15 23.75
C VAL A 21 -38.09 8.31 24.74
N ASN A 22 -37.26 8.27 25.78
CA ASN A 22 -37.27 9.28 26.82
C ASN A 22 -36.48 10.51 26.45
N GLY A 23 -35.89 10.55 25.25
CA GLY A 23 -35.10 11.69 24.85
C GLY A 23 -33.73 11.80 25.48
N GLU A 24 -33.16 10.70 25.96
CA GLU A 24 -31.85 10.78 26.63
C GLU A 24 -30.67 10.53 25.71
N ASP A 25 -30.89 10.29 24.40
CA ASP A 25 -29.81 10.37 23.41
C ASP A 25 -28.61 9.49 23.76
N PRO A 26 -28.73 8.16 23.73
CA PRO A 26 -27.59 7.31 24.13
C PRO A 26 -26.46 7.25 23.09
N TYR A 27 -26.63 7.82 21.90
CA TYR A 27 -25.56 7.89 20.88
C TYR A 27 -25.39 9.35 20.47
N PRO A 28 -24.82 10.17 21.36
CA PRO A 28 -24.65 11.59 21.05
C PRO A 28 -23.70 11.83 19.90
N HIS A 29 -23.93 12.93 19.17
CA HIS A 29 -23.15 13.18 17.96
C HIS A 29 -21.70 13.55 18.26
N LYS A 30 -21.47 14.36 19.29
CA LYS A 30 -20.14 14.91 19.48
C LYS A 30 -19.88 15.12 20.96
N PHE A 31 -18.75 14.58 21.44
CA PHE A 31 -18.19 14.84 22.76
C PHE A 31 -16.79 15.40 22.53
N HIS A 32 -16.47 16.52 23.18
CA HIS A 32 -15.20 17.23 22.93
C HIS A 32 -14.13 16.75 23.90
N VAL A 33 -13.34 15.76 23.46
CA VAL A 33 -12.23 15.28 24.27
C VAL A 33 -11.14 16.34 24.34
N ASP A 34 -10.63 16.62 25.55
CA ASP A 34 -9.55 17.58 25.75
C ASP A 34 -8.16 16.96 25.63
N ILE A 35 -8.01 15.71 26.04
CA ILE A 35 -6.69 15.12 26.25
C ILE A 35 -6.83 13.60 26.13
N SER A 36 -5.81 12.96 25.55
CA SER A 36 -5.80 11.50 25.48
C SER A 36 -5.52 10.91 26.86
N LEU A 37 -5.93 9.65 27.05
CA LEU A 37 -5.65 9.01 28.33
C LEU A 37 -4.14 8.88 28.57
N THR A 38 -3.37 8.60 27.52
CA THR A 38 -1.92 8.51 27.67
C THR A 38 -1.32 9.82 28.14
N ASP A 39 -1.76 10.95 27.55
CA ASP A 39 -1.28 12.25 27.98
C ASP A 39 -1.75 12.59 29.40
N PHE A 40 -2.99 12.22 29.75
CA PHE A 40 -3.47 12.45 31.12
C PHE A 40 -2.56 11.78 32.15
N ILE A 41 -2.18 10.53 31.88
CA ILE A 41 -1.30 9.80 32.78
C ILE A 41 0.07 10.45 32.85
N GLN A 42 0.62 10.83 31.71
CA GLN A 42 1.95 11.45 31.73
C GLN A 42 1.91 12.79 32.48
N LYS A 43 0.82 13.56 32.32
CA LYS A 43 0.75 14.88 32.96
C LYS A 43 0.56 14.80 34.48
N TYR A 44 -0.20 13.81 34.97
CA TYR A 44 -0.64 13.84 36.37
C TYR A 44 -0.12 12.67 37.22
N SER A 45 0.77 11.84 36.69
CA SER A 45 1.38 10.77 37.48
C SER A 45 2.16 11.31 38.67
N HIS A 46 2.61 12.57 38.60
CA HIS A 46 3.38 13.17 39.68
C HIS A 46 2.54 13.46 40.92
N LEU A 47 1.21 13.41 40.85
CA LEU A 47 0.40 13.79 42.01
C LEU A 47 0.70 12.86 43.19
N GLN A 48 0.61 13.42 44.40
CA GLN A 48 0.73 12.64 45.63
C GLN A 48 -0.57 11.93 45.96
N PRO A 49 -0.52 10.84 46.72
CA PRO A 49 -1.77 10.21 47.16
C PRO A 49 -2.64 11.19 47.93
N GLY A 50 -3.94 11.14 47.66
CA GLY A 50 -4.89 12.06 48.26
C GLY A 50 -5.04 13.40 47.56
N ASP A 51 -4.24 13.68 46.53
CA ASP A 51 -4.34 14.94 45.79
C ASP A 51 -5.65 15.03 45.03
N HIS A 52 -6.18 16.25 44.92
CA HIS A 52 -7.37 16.52 44.12
C HIS A 52 -7.24 17.92 43.55
N LEU A 53 -7.03 18.03 42.23
CA LEU A 53 -6.79 19.34 41.59
C LEU A 53 -8.12 19.95 41.16
N THR A 54 -8.76 20.61 42.12
CA THR A 54 -10.11 21.11 41.89
C THR A 54 -10.15 22.25 40.89
N ASP A 55 -9.00 22.89 40.60
CA ASP A 55 -8.95 23.97 39.63
C ASP A 55 -8.76 23.49 38.20
N ILE A 56 -8.57 22.19 37.95
CA ILE A 56 -8.29 21.68 36.61
C ILE A 56 -9.42 20.76 36.19
N THR A 57 -10.09 21.11 35.10
CA THR A 57 -11.20 20.32 34.57
C THR A 57 -10.85 19.88 33.16
N LEU A 58 -10.93 18.57 32.91
CA LEU A 58 -10.56 17.99 31.63
C LEU A 58 -11.66 17.03 31.19
N LYS A 59 -11.76 16.83 29.88
CA LYS A 59 -12.64 15.83 29.30
C LYS A 59 -11.81 14.73 28.67
N VAL A 60 -12.09 13.48 29.05
CA VAL A 60 -11.47 12.29 28.47
C VAL A 60 -12.57 11.33 28.06
N ALA A 61 -12.20 10.28 27.33
CA ALA A 61 -13.18 9.27 26.93
C ALA A 61 -12.51 7.91 26.81
N GLY A 62 -13.31 6.86 26.89
CA GLY A 62 -12.79 5.52 26.67
C GLY A 62 -13.88 4.48 26.93
N ARG A 63 -13.46 3.24 27.11
CA ARG A 63 -14.38 2.13 27.34
C ARG A 63 -14.30 1.65 28.79
N ILE A 64 -15.47 1.47 29.43
CA ILE A 64 -15.55 0.91 30.78
C ILE A 64 -15.19 -0.56 30.73
N HIS A 65 -14.13 -0.94 31.46
CA HIS A 65 -13.79 -2.35 31.60
C HIS A 65 -14.17 -2.93 32.96
N ALA A 66 -14.51 -2.09 33.94
CA ALA A 66 -15.01 -2.59 35.22
C ALA A 66 -15.81 -1.49 35.90
N LYS A 67 -16.77 -1.93 36.73
CA LYS A 67 -17.63 -1.03 37.49
C LYS A 67 -17.75 -1.61 38.89
N ARG A 68 -17.40 -0.81 39.90
CA ARG A 68 -17.37 -1.32 41.27
C ARG A 68 -18.00 -0.30 42.20
N ALA A 69 -19.11 -0.66 42.83
CA ALA A 69 -19.79 0.24 43.76
C ALA A 69 -19.18 0.09 45.15
N SER A 70 -19.05 1.19 45.86
CA SER A 70 -18.49 1.17 47.21
C SER A 70 -19.47 1.91 48.12
N GLY A 71 -20.46 1.20 48.65
CA GLY A 71 -21.50 1.93 49.35
C GLY A 71 -22.41 2.63 48.35
N GLY A 72 -23.19 3.58 48.87
CA GLY A 72 -24.15 4.24 47.99
C GLY A 72 -23.68 5.49 47.29
N LYS A 73 -22.55 6.08 47.70
CA LYS A 73 -22.14 7.39 47.19
C LYS A 73 -20.82 7.36 46.44
N LEU A 74 -20.29 6.17 46.12
CA LEU A 74 -18.98 6.07 45.50
C LEU A 74 -18.99 4.90 44.52
N ILE A 75 -18.49 5.13 43.32
CA ILE A 75 -18.38 4.08 42.31
C ILE A 75 -17.08 4.28 41.56
N PHE A 76 -16.36 3.18 41.30
CA PHE A 76 -15.14 3.24 40.53
C PHE A 76 -15.39 2.63 39.16
N TYR A 77 -14.98 3.33 38.11
CA TYR A 77 -14.97 2.76 36.76
C TYR A 77 -13.53 2.62 36.27
N ASP A 78 -13.21 1.47 35.71
CA ASP A 78 -11.92 1.24 35.08
C ASP A 78 -12.04 1.68 33.62
N LEU A 79 -11.47 2.83 33.26
CA LEU A 79 -11.63 3.40 31.92
C LEU A 79 -10.40 3.08 31.07
N ARG A 80 -10.62 2.50 29.89
CA ARG A 80 -9.49 2.08 29.06
C ARG A 80 -9.51 2.68 27.66
N GLY A 81 -8.32 2.89 27.15
CA GLY A 81 -8.13 3.43 25.81
C GLY A 81 -6.64 3.55 25.53
N GLU A 82 -6.26 3.52 24.26
CA GLU A 82 -4.88 3.65 23.82
C GLU A 82 -3.95 2.63 24.45
N GLY A 83 -4.47 1.51 24.93
CA GLY A 83 -3.63 0.53 25.60
C GLY A 83 -3.30 0.84 27.05
N VAL A 84 -3.94 1.84 27.66
CA VAL A 84 -3.67 2.25 29.04
C VAL A 84 -5.00 2.30 29.79
N LYS A 85 -4.92 2.61 31.08
CA LYS A 85 -6.15 2.65 31.86
C LYS A 85 -6.09 3.82 32.83
N LEU A 86 -7.27 4.29 33.20
CA LEU A 86 -7.41 5.43 34.11
C LEU A 86 -8.61 5.14 34.98
N GLN A 87 -8.44 5.18 36.31
CA GLN A 87 -9.58 5.03 37.19
C GLN A 87 -10.45 6.27 37.21
N VAL A 88 -11.77 6.08 37.09
CA VAL A 88 -12.73 7.14 37.34
C VAL A 88 -13.24 6.93 38.75
N MET A 89 -13.01 7.89 39.64
CA MET A 89 -13.49 7.79 41.03
C MET A 89 -14.68 8.71 41.18
N ALA A 90 -15.88 8.17 41.00
CA ALA A 90 -17.09 8.98 40.96
C ALA A 90 -17.68 9.03 42.36
N ASN A 91 -17.60 10.21 42.97
CA ASN A 91 -18.09 10.49 44.31
C ASN A 91 -19.35 11.34 44.21
N SER A 92 -20.38 10.98 44.97
CA SER A 92 -21.65 11.66 44.85
C SER A 92 -21.50 13.15 45.12
N ARG A 93 -20.66 13.52 46.11
CA ARG A 93 -20.53 14.92 46.49
C ARG A 93 -19.81 15.77 45.43
N ASN A 94 -18.96 15.17 44.60
CA ASN A 94 -18.27 15.94 43.58
C ASN A 94 -19.02 15.95 42.25
N TYR A 95 -20.08 15.18 42.12
CA TYR A 95 -20.86 15.12 40.89
C TYR A 95 -21.75 16.36 40.75
N LYS A 96 -22.19 16.61 39.51
CA LYS A 96 -23.04 17.77 39.22
C LYS A 96 -24.23 17.86 40.18
N SER A 97 -24.87 16.75 40.50
CA SER A 97 -25.89 16.72 41.55
C SER A 97 -26.08 15.29 42.00
N GLU A 98 -26.62 15.12 43.21
CA GLU A 98 -26.82 13.77 43.72
C GLU A 98 -27.85 13.01 42.87
N GLU A 99 -28.87 13.70 42.39
CA GLU A 99 -29.89 13.04 41.57
C GLU A 99 -29.31 12.57 40.24
N GLU A 100 -28.50 13.42 39.60
CA GLU A 100 -27.91 13.01 38.34
C GLU A 100 -26.86 11.93 38.54
N PHE A 101 -26.20 11.91 39.70
CA PHE A 101 -25.22 10.86 40.01
C PHE A 101 -25.90 9.50 40.06
N ILE A 102 -27.03 9.41 40.77
CA ILE A 102 -27.76 8.15 40.83
C ILE A 102 -28.20 7.76 39.42
N HIS A 103 -28.64 8.73 38.64
CA HIS A 103 -29.22 8.38 37.35
C HIS A 103 -28.15 7.82 36.41
N ILE A 104 -26.97 8.47 36.36
CA ILE A 104 -25.96 8.00 35.41
C ILE A 104 -25.43 6.63 35.81
N ASN A 105 -25.26 6.40 37.12
CA ASN A 105 -24.69 5.14 37.54
C ASN A 105 -25.62 3.98 37.27
N ASN A 106 -26.93 4.19 37.40
CA ASN A 106 -27.88 3.13 37.08
C ASN A 106 -27.96 2.88 35.59
N LYS A 107 -27.56 3.85 34.76
CA LYS A 107 -27.55 3.68 33.32
C LYS A 107 -26.34 2.90 32.81
N LEU A 108 -25.15 3.12 33.39
CA LEU A 108 -23.93 2.62 32.79
C LEU A 108 -23.69 1.13 33.10
N ARG A 109 -23.04 0.46 32.17
CA ARG A 109 -22.65 -0.93 32.34
C ARG A 109 -21.23 -1.10 31.86
N ARG A 110 -20.60 -2.17 32.33
CA ARG A 110 -19.31 -2.57 31.78
C ARG A 110 -19.42 -2.72 30.27
N GLY A 111 -18.38 -2.22 29.55
CA GLY A 111 -18.33 -2.19 28.11
C GLY A 111 -18.75 -0.87 27.46
N ASP A 112 -19.50 -0.02 28.17
CA ASP A 112 -19.99 1.21 27.55
C ASP A 112 -18.83 2.18 27.25
N ILE A 113 -18.96 2.90 26.14
CA ILE A 113 -18.08 4.04 25.85
C ILE A 113 -18.64 5.26 26.56
N ILE A 114 -17.81 5.92 27.36
CA ILE A 114 -18.27 7.09 28.10
C ILE A 114 -17.30 8.25 27.92
N GLY A 115 -17.84 9.45 28.07
CA GLY A 115 -17.03 10.67 28.20
C GLY A 115 -17.10 11.17 29.63
N VAL A 116 -15.97 11.68 30.14
CA VAL A 116 -15.87 12.05 31.54
C VAL A 116 -15.29 13.45 31.62
N GLN A 117 -15.98 14.33 32.34
CA GLN A 117 -15.48 15.67 32.63
C GLN A 117 -15.20 15.75 34.11
N GLY A 118 -13.96 16.02 34.49
CA GLY A 118 -13.66 16.06 35.91
C GLY A 118 -12.24 16.52 36.19
N ASN A 119 -11.81 16.32 37.46
CA ASN A 119 -10.50 16.81 37.92
C ASN A 119 -9.52 15.67 38.09
N PRO A 120 -8.24 15.90 37.81
CA PRO A 120 -7.20 14.93 38.20
C PRO A 120 -7.15 14.80 39.72
N GLY A 121 -6.88 13.58 40.18
CA GLY A 121 -6.71 13.29 41.60
C GLY A 121 -5.96 11.99 41.75
N LYS A 122 -5.64 11.65 43.00
CA LYS A 122 -5.05 10.35 43.30
C LYS A 122 -5.64 9.85 44.61
N THR A 123 -6.05 8.58 44.65
CA THR A 123 -6.62 8.02 45.87
C THR A 123 -5.54 7.89 46.95
N LYS A 124 -5.99 7.64 48.18
CA LYS A 124 -5.05 7.40 49.27
C LYS A 124 -4.17 6.19 48.99
N LYS A 125 -4.69 5.20 48.25
CA LYS A 125 -3.93 4.02 47.84
C LYS A 125 -2.92 4.34 46.73
N GLY A 126 -2.91 5.57 46.19
CA GLY A 126 -1.94 5.96 45.20
C GLY A 126 -2.39 5.82 43.76
N GLU A 127 -3.67 5.57 43.52
CA GLU A 127 -4.17 5.29 42.17
C GLU A 127 -4.57 6.59 41.49
N LEU A 128 -3.91 6.91 40.37
CA LEU A 128 -4.26 8.10 39.61
C LEU A 128 -5.70 8.01 39.13
N SER A 129 -6.46 9.09 39.28
CA SER A 129 -7.89 9.05 38.99
C SER A 129 -8.32 10.34 38.32
N ILE A 130 -9.49 10.29 37.68
CA ILE A 130 -10.25 11.50 37.37
C ILE A 130 -11.51 11.46 38.23
N ILE A 131 -11.83 12.60 38.82
CA ILE A 131 -12.96 12.73 39.73
C ILE A 131 -14.06 13.50 38.99
N PRO A 132 -15.15 12.86 38.57
CA PRO A 132 -16.02 13.48 37.57
C PRO A 132 -17.03 14.45 38.16
N TYR A 133 -17.18 15.55 37.43
CA TYR A 133 -18.35 16.42 37.56
C TYR A 133 -19.50 15.90 36.71
N GLU A 134 -19.20 15.31 35.54
CA GLU A 134 -20.25 14.78 34.68
C GLU A 134 -19.69 13.62 33.85
N ILE A 135 -20.47 12.55 33.76
CA ILE A 135 -20.18 11.42 32.88
C ILE A 135 -21.30 11.37 31.84
N THR A 136 -20.94 11.13 30.59
CA THR A 136 -21.88 11.05 29.49
C THR A 136 -21.77 9.69 28.81
N LEU A 137 -22.87 8.98 28.67
CA LEU A 137 -22.86 7.78 27.84
C LEU A 137 -22.68 8.18 26.38
N LEU A 138 -21.65 7.63 25.72
CA LEU A 138 -21.41 7.94 24.31
C LEU A 138 -21.82 6.83 23.36
N SER A 139 -21.73 5.57 23.80
CA SER A 139 -22.15 4.44 22.97
C SER A 139 -22.23 3.19 23.83
N PRO A 140 -23.44 2.72 24.16
CA PRO A 140 -23.56 1.55 25.03
C PRO A 140 -23.09 0.24 24.39
N CYS A 141 -22.58 -0.66 25.23
CA CYS A 141 -22.28 -2.03 24.81
C CYS A 141 -23.50 -2.92 25.09
N LEU A 142 -24.13 -3.43 24.03
CA LEU A 142 -25.36 -4.22 24.24
C LEU A 142 -25.10 -5.67 24.65
N HIS A 143 -23.88 -6.15 24.53
CA HIS A 143 -23.54 -7.53 24.85
C HIS A 143 -22.78 -7.59 26.15
N MET A 144 -22.76 -8.78 26.74
CA MET A 144 -21.86 -9.04 27.84
C MET A 144 -20.43 -9.06 27.31
N LEU A 145 -19.65 -8.08 27.70
CA LEU A 145 -18.27 -8.07 27.28
C LEU A 145 -17.52 -9.19 27.99
N PRO A 146 -16.74 -9.99 27.29
CA PRO A 146 -15.99 -11.07 27.96
C PRO A 146 -14.87 -10.54 28.86
N HIS A 147 -14.21 -11.44 29.57
CA HIS A 147 -13.22 -11.10 30.60
C HIS A 147 -12.09 -12.12 30.58
N LEU A 148 -10.94 -11.71 31.13
CA LEU A 148 -9.77 -12.57 31.43
C LEU A 148 -9.51 -13.68 30.42
N LYS A 153 -8.61 -14.91 24.44
CA LYS A 153 -9.33 -16.17 24.69
C LYS A 153 -9.09 -17.31 23.65
N ASP A 154 -10.19 -17.90 23.16
CA ASP A 154 -10.13 -18.95 22.15
C ASP A 154 -9.67 -18.41 20.80
N LYS A 155 -8.79 -19.16 20.12
CA LYS A 155 -8.10 -18.60 18.96
C LYS A 155 -9.07 -18.26 17.83
N GLU A 156 -10.07 -19.10 17.59
CA GLU A 156 -10.96 -18.83 16.46
C GLU A 156 -11.79 -17.58 16.69
N THR A 157 -12.33 -17.41 17.91
CA THR A 157 -13.12 -16.20 18.21
C THR A 157 -12.26 -14.95 18.12
N ARG A 158 -11.00 -15.05 18.53
CA ARG A 158 -10.10 -13.90 18.45
C ARG A 158 -9.94 -13.45 17.00
N TYR A 159 -9.91 -14.39 16.06
CA TYR A 159 -9.71 -14.02 14.65
C TYR A 159 -11.01 -13.69 13.95
N ARG A 160 -12.14 -14.28 14.38
CA ARG A 160 -13.43 -13.96 13.78
C ARG A 160 -14.05 -12.69 14.32
N GLN A 161 -13.68 -12.27 15.54
CA GLN A 161 -14.13 -10.99 16.10
C GLN A 161 -12.88 -10.27 16.62
N ARG A 162 -12.05 -9.80 15.69
CA ARG A 162 -10.80 -9.17 16.09
C ARG A 162 -11.03 -7.96 16.98
N TYR A 163 -12.17 -7.27 16.85
CA TYR A 163 -12.42 -6.13 17.72
C TYR A 163 -12.51 -6.56 19.20
N LEU A 164 -13.03 -7.75 19.48
CA LEU A 164 -13.05 -8.25 20.86
C LEU A 164 -11.64 -8.59 21.33
N ASP A 165 -10.84 -9.17 20.42
CA ASP A 165 -9.45 -9.47 20.74
C ASP A 165 -8.68 -8.20 21.08
N LEU A 166 -8.90 -7.11 20.30
CA LEU A 166 -8.23 -5.85 20.56
C LEU A 166 -8.69 -5.22 21.87
N ILE A 167 -9.97 -5.40 22.22
CA ILE A 167 -10.46 -4.80 23.47
C ILE A 167 -9.85 -5.48 24.67
N LEU A 168 -9.72 -6.81 24.61
CA LEU A 168 -9.38 -7.59 25.80
C LEU A 168 -7.88 -7.85 25.95
N ASN A 169 -7.12 -7.87 24.87
CA ASN A 169 -5.74 -8.35 24.88
C ASN A 169 -4.81 -7.23 24.40
N ASP A 170 -4.16 -6.56 25.36
CA ASP A 170 -3.25 -5.45 25.03
C ASP A 170 -2.12 -5.90 24.11
N PHE A 171 -1.69 -7.16 24.20
CA PHE A 171 -0.56 -7.57 23.36
C PHE A 171 -0.91 -7.55 21.88
N VAL A 172 -2.19 -7.65 21.54
CA VAL A 172 -2.60 -7.71 20.13
C VAL A 172 -2.36 -6.38 19.45
N ARG A 173 -2.78 -5.27 20.08
CA ARG A 173 -2.50 -3.96 19.50
C ARG A 173 -1.02 -3.79 19.25
N GLN A 174 -0.18 -4.25 20.18
CA GLN A 174 1.27 -4.04 20.05
C GLN A 174 1.83 -4.78 18.83
N LYS A 175 1.26 -5.92 18.48
CA LYS A 175 1.74 -6.63 17.27
C LYS A 175 1.45 -5.82 16.02
N PHE A 176 0.29 -5.17 15.95
CA PHE A 176 -0.03 -4.39 14.76
C PHE A 176 0.68 -3.07 14.71
N ILE A 177 1.08 -2.53 15.86
CA ILE A 177 1.98 -1.38 15.84
C ILE A 177 3.33 -1.78 15.26
N ILE A 178 3.86 -2.92 15.69
CA ILE A 178 5.15 -3.37 15.18
C ILE A 178 5.07 -3.61 13.67
N ARG A 179 3.96 -4.19 13.22
CA ARG A 179 3.81 -4.43 11.79
C ARG A 179 3.83 -3.10 11.02
N SER A 180 3.16 -2.08 11.54
CA SER A 180 3.19 -0.78 10.88
CA SER A 180 3.19 -0.78 10.87
C SER A 180 4.59 -0.18 10.89
N LYS A 181 5.33 -0.37 11.99
CA LYS A 181 6.69 0.17 12.05
C LYS A 181 7.62 -0.48 11.05
N ILE A 182 7.41 -1.76 10.77
CA ILE A 182 8.22 -2.46 9.78
C ILE A 182 8.07 -1.82 8.41
N ILE A 183 6.81 -1.60 8.02
CA ILE A 183 6.51 -1.05 6.71
C ILE A 183 7.02 0.37 6.61
N THR A 184 6.77 1.18 7.66
CA THR A 184 7.24 2.56 7.63
C THR A 184 8.76 2.62 7.57
N TYR A 185 9.44 1.67 8.24
CA TYR A 185 10.90 1.65 8.21
C TYR A 185 11.40 1.38 6.80
N ILE A 186 10.79 0.39 6.13
CA ILE A 186 11.22 0.02 4.77
C ILE A 186 11.00 1.17 3.80
N ARG A 187 9.85 1.87 3.90
CA ARG A 187 9.64 3.01 3.00
C ARG A 187 10.68 4.10 3.24
N SER A 188 11.04 4.36 4.49
N SER A 188 11.04 4.35 4.49
CA SER A 188 12.03 5.40 4.73
CA SER A 188 12.03 5.37 4.81
C SER A 188 13.38 4.99 4.17
C SER A 188 13.38 4.99 4.21
N PHE A 189 13.77 3.73 4.36
CA PHE A 189 15.03 3.25 3.83
C PHE A 189 15.10 3.37 2.30
N LEU A 190 14.07 2.91 1.60
CA LEU A 190 14.10 2.95 0.14
C LEU A 190 13.91 4.37 -0.39
N ASP A 191 13.06 5.18 0.27
CA ASP A 191 12.93 6.57 -0.15
C ASP A 191 14.27 7.28 -0.06
N GLU A 192 15.01 7.03 1.03
CA GLU A 192 16.28 7.73 1.28
C GLU A 192 17.35 7.33 0.28
N LEU A 193 17.23 6.17 -0.35
CA LEU A 193 18.13 5.72 -1.39
C LEU A 193 17.68 6.11 -2.79
N GLY A 194 16.65 6.94 -2.89
CA GLY A 194 16.21 7.46 -4.18
C GLY A 194 15.24 6.60 -4.94
N PHE A 195 14.63 5.60 -4.29
CA PHE A 195 13.61 4.78 -4.96
C PHE A 195 12.29 5.54 -5.10
N LEU A 196 11.57 5.25 -6.18
CA LEU A 196 10.23 5.82 -6.41
C LEU A 196 9.20 4.77 -5.99
N GLU A 197 8.32 5.14 -5.08
CA GLU A 197 7.22 4.24 -4.72
C GLU A 197 6.15 4.23 -5.81
N ILE A 198 5.81 3.04 -6.31
CA ILE A 198 4.94 2.94 -7.48
C ILE A 198 3.79 1.99 -7.19
N GLU A 199 2.74 2.09 -8.01
CA GLU A 199 1.61 1.18 -7.94
C GLU A 199 1.40 0.57 -9.32
N THR A 200 1.38 -0.75 -9.39
CA THR A 200 1.23 -1.44 -10.67
C THR A 200 0.02 -2.37 -10.61
N PRO A 201 -0.51 -2.84 -11.74
CA PRO A 201 -1.85 -3.45 -11.74
C PRO A 201 -1.96 -4.68 -10.85
N MET A 202 -3.09 -4.79 -10.17
CA MET A 202 -3.37 -5.99 -9.39
C MET A 202 -4.21 -6.99 -10.17
N MET A 203 -4.71 -6.60 -11.32
CA MET A 203 -5.46 -7.48 -12.20
C MET A 203 -4.70 -7.52 -13.52
N ASN A 204 -4.45 -8.72 -14.03
CA ASN A 204 -3.62 -8.90 -15.22
C ASN A 204 -4.29 -9.88 -16.17
N ILE A 205 -4.02 -9.72 -17.47
CA ILE A 205 -4.41 -10.77 -18.40
C ILE A 205 -3.58 -12.04 -18.19
N ILE A 206 -2.30 -11.86 -17.84
CA ILE A 206 -1.39 -12.98 -17.61
C ILE A 206 -0.66 -12.77 -16.29
N PRO A 207 -0.96 -13.54 -15.24
CA PRO A 207 -0.21 -13.40 -13.99
C PRO A 207 1.25 -13.80 -14.21
N GLY A 208 2.15 -13.14 -13.50
CA GLY A 208 3.56 -13.45 -13.70
C GLY A 208 4.40 -13.10 -12.48
N GLY A 209 5.69 -13.40 -12.58
CA GLY A 209 6.65 -12.97 -11.58
C GLY A 209 6.81 -13.91 -10.39
N ALA A 210 6.10 -15.03 -10.36
CA ALA A 210 6.20 -15.95 -9.24
C ALA A 210 5.60 -17.28 -9.66
N VAL A 211 5.76 -18.28 -8.80
CA VAL A 211 5.24 -19.62 -9.01
C VAL A 211 4.06 -19.83 -8.05
N ALA A 212 2.84 -19.85 -8.58
CA ALA A 212 1.64 -19.87 -7.76
C ALA A 212 0.41 -20.16 -8.62
N LYS A 213 -0.64 -20.66 -7.96
CA LYS A 213 -1.97 -20.78 -8.56
C LYS A 213 -2.78 -19.50 -8.34
N PRO A 214 -3.28 -18.86 -9.39
CA PRO A 214 -3.94 -17.55 -9.26
C PRO A 214 -5.44 -17.62 -9.00
N PHE A 215 -5.97 -16.50 -8.51
CA PHE A 215 -7.41 -16.26 -8.53
C PHE A 215 -7.80 -15.74 -9.88
N ILE A 216 -8.98 -16.15 -10.36
CA ILE A 216 -9.53 -15.72 -11.64
C ILE A 216 -10.81 -14.96 -11.39
N THR A 217 -11.02 -13.89 -12.15
CA THR A 217 -12.24 -13.11 -12.04
C THR A 217 -12.61 -12.63 -13.44
N TYR A 218 -13.85 -12.17 -13.57
CA TYR A 218 -14.40 -11.79 -14.87
C TYR A 218 -14.71 -10.31 -14.87
N HIS A 219 -14.26 -9.60 -15.92
CA HIS A 219 -14.63 -8.21 -16.13
C HIS A 219 -15.77 -8.11 -17.14
N ASN A 220 -16.86 -7.45 -16.75
CA ASN A 220 -18.09 -7.54 -17.53
C ASN A 220 -18.07 -6.63 -18.76
N GLU A 221 -17.61 -5.39 -18.63
CA GLU A 221 -17.63 -4.48 -19.76
C GLU A 221 -16.72 -4.97 -20.88
N LEU A 222 -15.53 -5.46 -20.54
CA LEU A 222 -14.58 -5.96 -21.52
C LEU A 222 -14.76 -7.44 -21.84
N ASP A 223 -15.65 -8.14 -21.14
CA ASP A 223 -16.00 -9.52 -21.45
C ASP A 223 -14.77 -10.42 -21.50
N MET A 224 -13.96 -10.37 -20.45
CA MET A 224 -12.76 -11.19 -20.41
C MET A 224 -12.43 -11.57 -18.98
N ASN A 225 -11.84 -12.74 -18.81
CA ASN A 225 -11.31 -13.10 -17.51
C ASN A 225 -10.02 -12.33 -17.24
N LEU A 226 -9.79 -12.06 -15.96
CA LEU A 226 -8.55 -11.44 -15.48
C LEU A 226 -8.08 -12.23 -14.28
N TYR A 227 -6.78 -12.11 -13.98
CA TYR A 227 -6.18 -12.82 -12.86
C TYR A 227 -5.70 -11.83 -11.81
N MET A 228 -5.93 -12.15 -10.55
CA MET A 228 -5.30 -11.36 -9.49
C MET A 228 -3.79 -11.62 -9.50
N ARG A 229 -3.01 -10.58 -9.22
CA ARG A 229 -1.56 -10.73 -9.39
C ARG A 229 -0.98 -11.65 -8.33
N ILE A 230 0.07 -12.37 -8.73
CA ILE A 230 0.87 -13.14 -7.79
C ILE A 230 2.17 -12.41 -7.45
N ALA A 231 2.61 -11.45 -8.28
CA ALA A 231 3.80 -10.64 -8.02
C ALA A 231 3.83 -9.44 -8.97
N PRO A 232 4.40 -8.31 -8.58
CA PRO A 232 4.49 -7.15 -9.48
C PRO A 232 5.73 -7.16 -10.37
N GLU A 233 6.54 -8.23 -10.30
CA GLU A 233 7.91 -8.18 -10.78
C GLU A 233 8.04 -7.74 -12.25
N LEU A 234 7.19 -8.24 -13.14
CA LEU A 234 7.38 -7.92 -14.56
C LEU A 234 7.06 -6.47 -14.87
N TYR A 235 6.07 -5.90 -14.17
CA TYR A 235 5.79 -4.47 -14.38
C TYR A 235 6.95 -3.61 -13.93
N HIS A 236 7.54 -3.96 -12.78
CA HIS A 236 8.65 -3.17 -12.27
C HIS A 236 9.80 -3.19 -13.26
N LYS A 237 10.10 -4.34 -13.85
CA LYS A 237 11.21 -4.37 -14.81
C LYS A 237 10.90 -3.57 -16.06
N MET A 238 9.64 -3.55 -16.50
CA MET A 238 9.32 -2.68 -17.62
C MET A 238 9.52 -1.21 -17.28
N LEU A 239 9.28 -0.80 -16.03
CA LEU A 239 9.55 0.59 -15.68
C LEU A 239 11.05 0.90 -15.68
N VAL A 240 11.88 -0.08 -15.33
CA VAL A 240 13.33 0.14 -15.40
C VAL A 240 13.78 0.28 -16.86
N VAL A 241 13.19 -0.51 -17.78
CA VAL A 241 13.43 -0.28 -19.21
C VAL A 241 13.06 1.16 -19.56
N GLY A 242 11.96 1.65 -18.98
CA GLY A 242 11.49 3.01 -19.20
C GLY A 242 12.39 4.09 -18.65
N GLY A 243 13.40 3.73 -17.87
CA GLY A 243 14.33 4.71 -17.34
C GLY A 243 14.08 5.14 -15.90
N ILE A 244 13.13 4.54 -15.21
CA ILE A 244 12.99 4.79 -13.77
C ILE A 244 13.93 3.81 -13.08
N ASP A 245 15.11 4.30 -12.64
CA ASP A 245 16.20 3.40 -12.26
C ASP A 245 15.92 2.63 -10.96
N ARG A 246 15.12 3.21 -10.07
CA ARG A 246 14.89 2.61 -8.75
C ARG A 246 13.41 2.70 -8.39
N VAL A 247 12.75 1.56 -8.25
CA VAL A 247 11.32 1.54 -7.99
C VAL A 247 11.04 0.56 -6.86
N TYR A 248 9.97 0.79 -6.09
CA TYR A 248 9.51 -0.20 -5.12
C TYR A 248 8.00 -0.11 -4.93
N GLU A 249 7.43 -1.20 -4.42
CA GLU A 249 5.98 -1.29 -4.21
C GLU A 249 5.76 -2.17 -2.99
N ILE A 250 5.06 -1.68 -1.98
CA ILE A 250 4.60 -2.53 -0.88
C ILE A 250 3.11 -2.74 -1.06
N GLY A 251 2.71 -3.97 -1.39
CA GLY A 251 1.31 -4.15 -1.71
C GLY A 251 0.90 -5.60 -1.62
N ARG A 252 -0.37 -5.84 -1.92
CA ARG A 252 -0.97 -7.14 -1.73
C ARG A 252 -0.72 -8.04 -2.94
N GLN A 253 -0.48 -9.32 -2.64
CA GLN A 253 -0.42 -10.39 -3.63
C GLN A 253 -1.44 -11.46 -3.26
N PHE A 254 -1.78 -12.32 -4.22
CA PHE A 254 -2.88 -13.27 -4.07
C PHE A 254 -2.46 -14.65 -4.53
N ARG A 255 -2.77 -15.66 -3.73
CA ARG A 255 -2.47 -17.04 -4.08
C ARG A 255 -3.68 -17.89 -3.74
N ASN A 256 -4.16 -18.65 -4.72
CA ASN A 256 -5.39 -19.45 -4.58
C ASN A 256 -5.02 -20.86 -4.12
N GLU A 257 -4.64 -20.98 -2.86
CA GLU A 257 -4.15 -22.26 -2.36
C GLU A 257 -4.74 -22.57 -0.98
N GLY A 258 -4.02 -23.35 -0.16
CA GLY A 258 -4.50 -23.66 1.18
C GLY A 258 -4.05 -22.66 2.25
N ILE A 259 -4.68 -22.76 3.41
CA ILE A 259 -4.39 -21.90 4.56
C ILE A 259 -3.63 -22.68 5.63
N ASP A 260 -2.53 -22.11 6.13
CA ASP A 260 -1.77 -22.75 7.21
C ASP A 260 -1.02 -21.69 8.00
N LEU A 261 -0.10 -22.15 8.86
CA LEU A 261 0.55 -21.25 9.81
C LEU A 261 1.33 -20.14 9.12
N THR A 262 1.81 -20.40 7.90
CA THR A 262 2.53 -19.36 7.17
C THR A 262 1.84 -18.99 5.87
N HIS A 263 0.56 -19.34 5.69
CA HIS A 263 -0.10 -19.07 4.41
C HIS A 263 -1.53 -18.56 4.57
N ASN A 264 -1.82 -17.42 3.94
CA ASN A 264 -3.11 -16.75 3.78
C ASN A 264 -3.32 -16.44 2.30
N PRO A 265 -4.56 -16.46 1.82
CA PRO A 265 -4.79 -16.18 0.38
C PRO A 265 -4.32 -14.81 -0.08
N GLU A 266 -4.34 -13.79 0.76
CA GLU A 266 -3.77 -12.49 0.40
C GLU A 266 -2.73 -12.11 1.45
N PHE A 267 -1.63 -11.51 1.00
CA PHE A 267 -0.49 -11.23 1.87
C PHE A 267 0.28 -10.06 1.27
N THR A 268 1.17 -9.47 2.05
CA THR A 268 1.84 -8.25 1.65
C THR A 268 3.30 -8.52 1.38
N THR A 269 3.82 -7.97 0.27
CA THR A 269 5.24 -8.04 -0.01
C THR A 269 5.75 -6.65 -0.33
N CYS A 270 7.07 -6.49 -0.20
CA CYS A 270 7.78 -5.36 -0.78
C CYS A 270 8.68 -5.89 -1.87
N GLU A 271 8.56 -5.35 -3.08
CA GLU A 271 9.55 -5.65 -4.14
C GLU A 271 10.21 -4.33 -4.52
N PHE A 272 11.51 -4.36 -4.83
CA PHE A 272 12.18 -3.20 -5.38
C PHE A 272 13.13 -3.68 -6.46
N TYR A 273 13.42 -2.77 -7.40
CA TYR A 273 14.30 -3.05 -8.54
C TYR A 273 15.25 -1.87 -8.63
N MET A 274 16.54 -2.16 -8.86
CA MET A 274 17.63 -1.18 -8.76
C MET A 274 18.53 -1.35 -9.97
N ALA A 275 18.42 -0.43 -10.92
CA ALA A 275 19.32 -0.45 -12.08
C ALA A 275 20.77 -0.33 -11.63
N TYR A 276 21.62 -1.08 -12.33
CA TYR A 276 23.09 -1.12 -12.23
C TYR A 276 23.58 -1.78 -10.96
N ALA A 277 22.70 -2.43 -10.21
CA ALA A 277 23.06 -3.30 -9.09
C ALA A 277 23.10 -4.75 -9.56
N ASP A 278 23.88 -5.57 -8.85
CA ASP A 278 23.80 -7.03 -8.99
C ASP A 278 23.43 -7.62 -7.63
N TYR A 279 23.32 -8.95 -7.57
CA TYR A 279 22.84 -9.54 -6.31
C TYR A 279 23.85 -9.38 -5.18
N HIS A 280 25.14 -9.18 -5.48
CA HIS A 280 26.10 -8.88 -4.41
C HIS A 280 25.76 -7.56 -3.74
N ASP A 281 25.43 -6.54 -4.54
CA ASP A 281 24.99 -5.27 -3.98
C ASP A 281 23.74 -5.44 -3.13
N LEU A 282 22.80 -6.28 -3.58
CA LEU A 282 21.57 -6.45 -2.83
C LEU A 282 21.78 -7.23 -1.53
N MET A 283 22.77 -8.13 -1.45
CA MET A 283 23.01 -8.75 -0.15
C MET A 283 23.48 -7.72 0.88
N GLU A 284 24.31 -6.78 0.45
CA GLU A 284 24.76 -5.75 1.38
C GLU A 284 23.60 -4.86 1.80
N ILE A 285 22.75 -4.50 0.85
CA ILE A 285 21.59 -3.67 1.17
C ILE A 285 20.62 -4.41 2.07
N THR A 286 20.39 -5.70 1.81
CA THR A 286 19.52 -6.52 2.66
C THR A 286 20.03 -6.61 4.09
N GLU A 287 21.35 -6.87 4.26
CA GLU A 287 21.91 -6.95 5.59
C GLU A 287 21.72 -5.64 6.33
N LYS A 288 21.97 -4.53 5.66
CA LYS A 288 21.84 -3.22 6.30
C LYS A 288 20.38 -2.93 6.64
N MET A 289 19.47 -3.19 5.70
CA MET A 289 18.05 -2.92 5.98
C MET A 289 17.51 -3.81 7.10
N VAL A 290 17.76 -5.11 7.03
CA VAL A 290 17.12 -6.03 7.98
C VAL A 290 17.71 -5.86 9.38
N SER A 291 19.05 -5.83 9.48
CA SER A 291 19.65 -5.63 10.80
C SER A 291 19.26 -4.28 11.38
N GLY A 292 19.24 -3.23 10.54
CA GLY A 292 18.90 -1.92 11.05
C GLY A 292 17.45 -1.84 11.50
N MET A 293 16.55 -2.47 10.74
CA MET A 293 15.15 -2.53 11.13
C MET A 293 14.95 -3.26 12.45
N VAL A 294 15.63 -4.39 12.63
CA VAL A 294 15.44 -5.18 13.85
C VAL A 294 15.92 -4.40 15.06
N LYS A 295 17.07 -3.73 14.93
CA LYS A 295 17.59 -2.95 16.05
C LYS A 295 16.73 -1.74 16.32
N HIS A 296 16.25 -1.09 15.26
CA HIS A 296 15.40 0.08 15.45
C HIS A 296 14.10 -0.29 16.15
N ILE A 297 13.48 -1.39 15.72
CA ILE A 297 12.16 -1.69 16.25
C ILE A 297 12.25 -2.32 17.63
N THR A 298 13.21 -3.24 17.83
CA THR A 298 13.29 -4.01 19.07
C THR A 298 14.33 -3.49 20.05
N GLY A 299 15.24 -2.61 19.64
CA GLY A 299 16.31 -2.13 20.50
C GLY A 299 17.62 -2.91 20.47
N SER A 300 17.68 -4.06 19.79
CA SER A 300 18.95 -4.76 19.71
C SER A 300 18.89 -5.69 18.51
N TYR A 301 20.03 -6.31 18.20
CA TYR A 301 20.06 -7.27 17.10
C TYR A 301 19.54 -8.66 17.46
N LYS A 302 19.32 -8.95 18.74
CA LYS A 302 18.94 -10.30 19.16
C LYS A 302 17.48 -10.34 19.54
N VAL A 303 16.75 -11.31 18.97
CA VAL A 303 15.30 -11.41 19.12
C VAL A 303 14.97 -12.82 19.60
N THR A 304 14.12 -12.91 20.63
CA THR A 304 13.67 -14.22 21.10
C THR A 304 12.50 -14.70 20.25
N TYR A 305 12.51 -15.98 19.87
CA TYR A 305 11.43 -16.49 19.05
C TYR A 305 11.09 -17.92 19.47
N HIS A 306 9.78 -18.23 19.46
CA HIS A 306 9.24 -19.54 19.83
C HIS A 306 8.74 -20.19 18.55
N PRO A 307 9.56 -21.00 17.87
CA PRO A 307 9.12 -21.56 16.58
C PRO A 307 7.89 -22.44 16.69
N ASP A 308 7.67 -23.05 17.85
CA ASP A 308 6.54 -23.97 18.06
C ASP A 308 5.51 -23.39 19.01
N GLY A 309 5.53 -22.08 19.21
CA GLY A 309 4.62 -21.42 20.11
C GLY A 309 5.08 -21.47 21.55
N PRO A 310 4.29 -20.88 22.44
CA PRO A 310 4.67 -20.81 23.85
C PRO A 310 4.84 -22.16 24.51
N GLU A 311 4.25 -23.23 23.99
CA GLU A 311 4.45 -24.53 24.63
C GLU A 311 5.78 -25.18 24.30
N GLY A 312 6.56 -24.63 23.36
CA GLY A 312 7.86 -25.17 23.02
C GLY A 312 9.03 -24.29 23.48
N GLN A 313 10.22 -24.72 23.09
CA GLN A 313 11.44 -23.98 23.44
C GLN A 313 11.52 -22.69 22.63
N ALA A 314 12.12 -21.65 23.21
CA ALA A 314 12.46 -20.42 22.51
C ALA A 314 13.95 -20.40 22.16
N TYR A 315 14.30 -19.59 21.14
CA TYR A 315 15.69 -19.40 20.72
C TYR A 315 15.93 -17.92 20.46
N ASP A 316 17.12 -17.45 20.80
CA ASP A 316 17.49 -16.10 20.43
C ASP A 316 17.99 -16.14 19.00
N VAL A 317 17.44 -15.26 18.17
CA VAL A 317 17.82 -15.14 16.77
C VAL A 317 18.70 -13.90 16.67
N ASP A 318 19.93 -14.06 16.13
CA ASP A 318 20.93 -13.01 16.12
C ASP A 318 21.03 -12.37 14.73
N PHE A 319 20.58 -11.11 14.61
CA PHE A 319 20.61 -10.35 13.36
C PHE A 319 21.86 -9.50 13.21
N THR A 320 22.89 -9.72 14.01
CA THR A 320 24.13 -8.93 13.89
C THR A 320 24.76 -9.22 12.54
N PRO A 321 25.00 -8.21 11.70
CA PRO A 321 25.62 -8.46 10.40
C PRO A 321 27.12 -8.65 10.54
N PRO A 322 27.82 -9.21 9.51
CA PRO A 322 27.29 -9.80 8.28
C PRO A 322 26.55 -11.12 8.49
N PHE A 323 25.59 -11.43 7.62
CA PHE A 323 24.87 -12.70 7.70
C PHE A 323 25.72 -13.81 7.08
N ARG A 324 25.53 -15.03 7.60
CA ARG A 324 26.16 -16.22 7.02
C ARG A 324 25.68 -16.42 5.58
N ARG A 325 26.59 -16.87 4.71
CA ARG A 325 26.25 -17.21 3.33
C ARG A 325 26.58 -18.68 3.08
N ILE A 326 25.67 -19.39 2.41
CA ILE A 326 25.98 -20.73 1.94
C ILE A 326 25.59 -20.82 0.47
N ASN A 327 26.31 -21.65 -0.28
CA ASN A 327 25.98 -21.85 -1.68
C ASN A 327 25.15 -23.12 -1.77
N MET A 328 24.00 -23.03 -2.43
CA MET A 328 22.99 -24.07 -2.34
C MET A 328 23.54 -25.43 -2.75
N VAL A 329 24.07 -25.56 -3.96
CA VAL A 329 24.43 -26.89 -4.43
C VAL A 329 25.59 -27.45 -3.63
N GLU A 330 26.65 -26.66 -3.40
CA GLU A 330 27.78 -27.26 -2.71
C GLU A 330 27.45 -27.60 -1.26
N GLU A 331 26.61 -26.80 -0.59
CA GLU A 331 26.24 -27.13 0.77
C GLU A 331 25.30 -28.33 0.81
N LEU A 332 24.39 -28.44 -0.17
CA LEU A 332 23.55 -29.62 -0.24
C LEU A 332 24.38 -30.88 -0.47
N GLU A 333 25.43 -30.77 -1.28
CA GLU A 333 26.25 -31.96 -1.52
C GLU A 333 26.96 -32.41 -0.26
N LYS A 334 27.39 -31.46 0.58
CA LYS A 334 27.98 -31.80 1.86
C LYS A 334 26.95 -32.43 2.79
N ALA A 335 25.72 -31.91 2.81
CA ALA A 335 24.71 -32.49 3.70
C ALA A 335 24.25 -33.86 3.23
N LEU A 336 24.29 -34.13 1.93
CA LEU A 336 23.89 -35.44 1.44
C LEU A 336 25.03 -36.44 1.49
N GLY A 337 26.27 -35.97 1.61
CA GLY A 337 27.38 -36.87 1.52
C GLY A 337 27.68 -37.39 0.13
N MET A 338 27.14 -36.75 -0.91
CA MET A 338 27.31 -37.21 -2.28
C MET A 338 27.20 -36.03 -3.24
N LYS A 339 27.80 -36.18 -4.42
CA LYS A 339 27.70 -35.15 -5.45
C LYS A 339 26.38 -35.24 -6.20
N LEU A 340 25.85 -34.04 -6.63
CA LEU A 340 24.63 -34.01 -7.42
C LEU A 340 24.95 -33.98 -8.91
N PRO A 341 24.06 -34.52 -9.75
CA PRO A 341 24.20 -34.30 -11.20
C PRO A 341 24.03 -32.83 -11.54
N GLU A 342 24.80 -32.35 -12.52
CA GLU A 342 24.63 -30.97 -12.96
C GLU A 342 23.31 -30.79 -13.72
N THR A 343 22.67 -29.65 -13.46
CA THR A 343 21.45 -29.24 -14.13
C THR A 343 21.78 -28.09 -15.08
N ASN A 344 20.87 -27.82 -16.01
CA ASN A 344 20.89 -26.56 -16.77
C ASN A 344 19.46 -26.16 -17.10
N LEU A 345 19.28 -25.34 -18.15
CA LEU A 345 17.97 -24.75 -18.42
C LEU A 345 16.90 -25.79 -18.76
N PHE A 346 17.29 -26.90 -19.37
CA PHE A 346 16.34 -27.89 -19.86
C PHE A 346 16.15 -29.02 -18.86
N GLU A 347 14.89 -29.38 -18.60
CA GLU A 347 14.62 -30.60 -17.86
C GLU A 347 15.09 -31.80 -18.65
N THR A 348 15.80 -32.71 -17.99
CA THR A 348 16.38 -33.87 -18.65
C THR A 348 16.21 -35.09 -17.75
N GLU A 349 15.68 -36.17 -18.33
CA GLU A 349 15.19 -37.27 -17.50
C GLU A 349 16.31 -37.96 -16.73
N GLU A 350 17.53 -38.00 -17.27
CA GLU A 350 18.62 -38.65 -16.56
C GLU A 350 18.89 -37.96 -15.23
N THR A 351 19.00 -36.62 -15.25
CA THR A 351 19.25 -35.87 -14.03
C THR A 351 18.07 -35.95 -13.07
N ARG A 352 16.85 -35.92 -13.60
CA ARG A 352 15.67 -35.93 -12.76
C ARG A 352 15.54 -37.24 -12.02
N LYS A 353 15.87 -38.35 -12.68
CA LYS A 353 15.79 -39.66 -12.05
C LYS A 353 16.79 -39.78 -10.91
N ILE A 354 17.99 -39.22 -11.07
CA ILE A 354 19.00 -39.31 -10.01
C ILE A 354 18.51 -38.58 -8.76
N LEU A 355 17.93 -37.39 -8.95
CA LEU A 355 17.38 -36.63 -7.84
C LEU A 355 16.16 -37.31 -7.24
N ASP A 356 15.35 -37.95 -8.06
CA ASP A 356 14.21 -38.70 -7.54
C ASP A 356 14.68 -39.83 -6.65
N ASP A 357 15.70 -40.57 -7.10
CA ASP A 357 16.28 -41.66 -6.31
C ASP A 357 16.84 -41.14 -5.00
N ILE A 358 17.48 -39.97 -5.01
CA ILE A 358 18.04 -39.43 -3.78
C ILE A 358 16.94 -39.11 -2.79
N CYS A 359 15.83 -38.52 -3.27
CA CYS A 359 14.75 -38.21 -2.34
C CYS A 359 14.16 -39.49 -1.74
N VAL A 360 14.06 -40.57 -2.53
CA VAL A 360 13.50 -41.80 -1.99
C VAL A 360 14.43 -42.36 -0.91
N ALA A 361 15.72 -42.39 -1.19
CA ALA A 361 16.69 -42.94 -0.26
C ALA A 361 16.77 -42.12 1.03
N LYS A 362 16.48 -40.82 0.94
CA LYS A 362 16.53 -39.94 2.11
C LYS A 362 15.16 -39.73 2.74
N ALA A 363 14.11 -40.39 2.23
CA ALA A 363 12.74 -40.21 2.72
C ALA A 363 12.31 -38.74 2.69
N VAL A 364 12.62 -38.06 1.59
CA VAL A 364 12.16 -36.68 1.40
C VAL A 364 10.98 -36.73 0.43
N GLU A 365 9.79 -36.38 0.92
CA GLU A 365 8.59 -36.41 0.11
C GLU A 365 8.60 -35.33 -0.97
N CYS A 366 8.04 -35.67 -2.11
CA CYS A 366 7.78 -34.67 -3.14
C CYS A 366 6.51 -35.07 -3.88
N PRO A 367 5.40 -34.36 -3.67
CA PRO A 367 4.15 -34.65 -4.42
C PRO A 367 4.32 -34.39 -5.90
N PRO A 368 3.51 -35.04 -6.76
CA PRO A 368 3.66 -34.83 -8.20
C PRO A 368 3.38 -33.38 -8.55
N PRO A 369 3.97 -32.89 -9.65
CA PRO A 369 4.93 -33.64 -10.45
C PRO A 369 6.31 -33.60 -9.81
N ARG A 370 7.04 -34.71 -9.88
CA ARG A 370 8.39 -34.79 -9.33
C ARG A 370 9.39 -34.29 -10.38
N THR A 371 9.33 -32.99 -10.62
CA THR A 371 10.22 -32.32 -11.55
C THR A 371 11.57 -32.08 -10.88
N THR A 372 12.59 -31.88 -11.71
CA THR A 372 13.91 -31.57 -11.16
C THR A 372 13.85 -30.40 -10.18
N ALA A 373 13.19 -29.30 -10.56
CA ALA A 373 13.19 -28.13 -9.68
C ALA A 373 12.46 -28.40 -8.36
N ARG A 374 11.38 -29.17 -8.41
CA ARG A 374 10.62 -29.43 -7.19
C ARG A 374 11.36 -30.41 -6.28
N LEU A 375 12.00 -31.43 -6.86
CA LEU A 375 12.80 -32.35 -6.05
C LEU A 375 13.98 -31.63 -5.40
N LEU A 376 14.62 -30.70 -6.12
CA LEU A 376 15.70 -29.92 -5.52
C LEU A 376 15.19 -29.05 -4.40
N ASP A 377 14.03 -28.43 -4.59
CA ASP A 377 13.45 -27.59 -3.56
C ASP A 377 13.17 -28.38 -2.29
N LYS A 378 12.67 -29.62 -2.42
CA LYS A 378 12.39 -30.42 -1.24
C LYS A 378 13.67 -30.83 -0.53
N LEU A 379 14.71 -31.19 -1.29
CA LEU A 379 15.99 -31.52 -0.69
C LEU A 379 16.58 -30.32 0.06
N VAL A 380 16.49 -29.13 -0.55
CA VAL A 380 17.00 -27.93 0.11
C VAL A 380 16.22 -27.67 1.40
N GLY A 381 14.91 -27.90 1.37
CA GLY A 381 14.13 -27.69 2.58
C GLY A 381 14.52 -28.64 3.69
N GLU A 382 14.83 -29.89 3.34
CA GLU A 382 15.14 -30.88 4.36
C GLU A 382 16.55 -30.71 4.94
N PHE A 383 17.53 -30.31 4.11
CA PHE A 383 18.94 -30.37 4.53
C PHE A 383 19.60 -29.02 4.75
N LEU A 384 19.13 -27.95 4.12
CA LEU A 384 19.74 -26.63 4.27
C LEU A 384 18.86 -25.67 5.06
N GLU A 385 17.57 -25.56 4.71
CA GLU A 385 16.76 -24.52 5.36
C GLU A 385 16.67 -24.76 6.86
N VAL A 386 16.72 -26.04 7.26
CA VAL A 386 16.63 -26.43 8.67
C VAL A 386 17.82 -25.93 9.49
N THR A 387 18.96 -25.65 8.85
CA THR A 387 20.12 -25.12 9.56
C THR A 387 20.11 -23.59 9.66
N CYS A 388 19.14 -22.92 9.02
CA CYS A 388 19.13 -21.46 8.95
C CYS A 388 18.33 -20.87 10.09
N ILE A 389 18.96 -20.78 11.25
CA ILE A 389 18.30 -20.21 12.44
C ILE A 389 18.51 -18.70 12.46
N ASN A 390 19.77 -18.27 12.59
CA ASN A 390 20.11 -16.87 12.33
C ASN A 390 19.94 -16.55 10.86
N PRO A 391 19.76 -15.28 10.51
CA PRO A 391 19.59 -14.93 9.09
C PRO A 391 20.75 -15.47 8.28
N THR A 392 20.41 -16.14 7.18
CA THR A 392 21.39 -16.87 6.39
C THR A 392 20.98 -16.68 4.93
N PHE A 393 21.93 -16.26 4.10
CA PHE A 393 21.70 -16.21 2.67
C PHE A 393 21.99 -17.58 2.08
N ILE A 394 21.03 -18.14 1.35
CA ILE A 394 21.28 -19.31 0.53
C ILE A 394 21.39 -18.83 -0.91
N CYS A 395 22.51 -19.15 -1.56
CA CYS A 395 22.88 -18.47 -2.79
C CYS A 395 23.07 -19.44 -3.96
N ASP A 396 22.96 -18.85 -5.16
CA ASP A 396 23.44 -19.46 -6.40
C ASP A 396 22.59 -20.65 -6.81
N HIS A 397 21.27 -20.46 -6.75
CA HIS A 397 20.31 -21.48 -7.14
C HIS A 397 20.49 -21.89 -8.60
N PRO A 398 20.26 -23.17 -8.91
CA PRO A 398 20.26 -23.60 -10.30
C PRO A 398 19.23 -22.86 -11.14
N GLN A 399 19.59 -22.66 -12.41
CA GLN A 399 18.74 -21.96 -13.36
C GLN A 399 17.37 -22.64 -13.50
N ILE A 400 17.33 -23.96 -13.37
CA ILE A 400 16.07 -24.69 -13.51
C ILE A 400 15.09 -24.32 -12.42
N MET A 401 15.57 -23.78 -11.30
CA MET A 401 14.66 -23.29 -10.26
C MET A 401 14.31 -21.82 -10.39
N SER A 402 14.93 -21.10 -11.32
CA SER A 402 14.95 -19.63 -11.29
C SER A 402 14.74 -19.07 -12.71
N PRO A 403 13.53 -19.14 -13.23
CA PRO A 403 13.32 -18.78 -14.65
C PRO A 403 13.50 -17.29 -14.99
N LEU A 404 13.51 -16.38 -14.00
CA LEU A 404 13.70 -14.96 -14.27
C LEU A 404 15.05 -14.44 -13.79
N ALA A 405 15.88 -15.31 -13.21
CA ALA A 405 17.18 -14.89 -12.67
C ALA A 405 18.27 -15.03 -13.73
N LYS A 406 19.21 -14.08 -13.74
CA LYS A 406 20.31 -14.10 -14.70
C LYS A 406 21.29 -15.22 -14.38
N TRP A 407 21.81 -15.86 -15.44
CA TRP A 407 22.78 -16.93 -15.29
C TRP A 407 24.01 -16.43 -14.53
N HIS A 408 24.61 -17.31 -13.76
CA HIS A 408 25.74 -16.92 -12.92
C HIS A 408 26.95 -16.61 -13.79
N ARG A 409 27.64 -15.51 -13.49
CA ARG A 409 28.70 -15.11 -14.41
C ARG A 409 29.92 -16.01 -14.34
N SER A 410 30.04 -16.87 -13.32
CA SER A 410 31.19 -17.77 -13.24
C SER A 410 30.85 -19.20 -12.88
N LYS A 411 29.59 -19.57 -12.67
CA LYS A 411 29.25 -20.94 -12.30
C LYS A 411 28.21 -21.46 -13.29
N GLU A 412 28.63 -22.39 -14.16
CA GLU A 412 27.76 -22.88 -15.21
C GLU A 412 26.51 -23.55 -14.62
N GLY A 413 25.34 -23.21 -15.15
CA GLY A 413 24.09 -23.81 -14.74
C GLY A 413 23.44 -23.21 -13.52
N LEU A 414 24.11 -22.28 -12.85
CA LEU A 414 23.56 -21.61 -11.67
C LEU A 414 23.13 -20.20 -12.06
N THR A 415 22.56 -19.48 -11.10
CA THR A 415 22.07 -18.13 -11.31
C THR A 415 22.56 -17.23 -10.18
N GLU A 416 22.49 -15.93 -10.41
CA GLU A 416 22.89 -14.94 -9.39
C GLU A 416 21.66 -14.64 -8.54
N ARG A 417 21.36 -15.56 -7.64
CA ARG A 417 20.16 -15.52 -6.83
C ARG A 417 20.54 -15.71 -5.36
N PHE A 418 19.77 -15.11 -4.47
CA PHE A 418 19.84 -15.55 -3.08
C PHE A 418 18.45 -15.51 -2.47
N GLU A 419 18.28 -16.29 -1.42
CA GLU A 419 17.13 -16.21 -0.53
C GLU A 419 17.66 -15.98 0.87
N LEU A 420 16.96 -15.16 1.64
CA LEU A 420 17.33 -14.93 3.04
C LEU A 420 16.38 -15.76 3.89
N PHE A 421 16.94 -16.67 4.68
CA PHE A 421 16.20 -17.52 5.60
C PHE A 421 16.46 -17.09 7.03
N VAL A 422 15.39 -17.11 7.84
CA VAL A 422 15.42 -16.80 9.27
C VAL A 422 14.55 -17.83 9.95
N MET A 423 15.07 -18.50 10.97
CA MET A 423 14.29 -19.50 11.70
C MET A 423 13.62 -20.50 10.75
N LYS A 424 14.42 -20.97 9.78
CA LYS A 424 14.05 -22.00 8.81
C LYS A 424 13.02 -21.55 7.79
N LYS A 425 12.73 -20.26 7.68
CA LYS A 425 11.70 -19.74 6.79
C LYS A 425 12.27 -18.66 5.87
N GLU A 426 11.79 -18.66 4.62
CA GLU A 426 12.20 -17.62 3.67
C GLU A 426 11.57 -16.29 3.99
N ILE A 427 12.38 -15.24 4.08
CA ILE A 427 11.83 -13.88 4.19
C ILE A 427 12.16 -13.01 2.98
N CYS A 428 13.23 -13.28 2.23
CA CYS A 428 13.58 -12.48 1.04
C CYS A 428 13.98 -13.40 -0.10
N ASN A 429 13.73 -12.95 -1.33
CA ASN A 429 14.15 -13.63 -2.56
C ASN A 429 14.66 -12.54 -3.52
N ALA A 430 15.86 -12.71 -4.10
CA ALA A 430 16.42 -11.63 -4.91
C ALA A 430 17.36 -12.21 -5.97
N TYR A 431 17.58 -11.43 -7.03
CA TYR A 431 18.57 -11.89 -8.00
C TYR A 431 18.99 -10.77 -8.95
N THR A 432 20.16 -10.95 -9.54
CA THR A 432 20.48 -10.20 -10.75
C THR A 432 19.45 -10.61 -11.79
N GLU A 433 18.81 -9.62 -12.41
CA GLU A 433 17.64 -9.87 -13.24
C GLU A 433 18.06 -10.37 -14.63
N LEU A 434 17.37 -11.39 -15.12
CA LEU A 434 17.63 -11.79 -16.50
C LEU A 434 17.18 -10.68 -17.43
N ASN A 435 18.09 -10.18 -18.26
CA ASN A 435 17.75 -9.08 -19.16
C ASN A 435 18.09 -9.38 -20.62
N ASP A 436 18.41 -10.62 -20.96
CA ASP A 436 18.60 -11.01 -22.35
C ASP A 436 17.25 -11.53 -22.84
N PRO A 437 16.57 -10.84 -23.77
CA PRO A 437 15.23 -11.30 -24.20
C PRO A 437 15.19 -12.69 -24.83
N MET A 438 16.25 -13.06 -25.58
CA MET A 438 16.24 -14.37 -26.21
C MET A 438 16.30 -15.48 -25.17
N ARG A 439 17.16 -15.30 -24.18
CA ARG A 439 17.23 -16.29 -23.11
C ARG A 439 15.97 -16.30 -22.27
N GLN A 440 15.37 -15.13 -22.05
CA GLN A 440 14.15 -15.11 -21.25
C GLN A 440 13.01 -15.81 -21.98
N ARG A 441 12.92 -15.61 -23.29
CA ARG A 441 11.88 -16.29 -24.05
C ARG A 441 12.09 -17.79 -24.01
N GLN A 442 13.35 -18.22 -24.04
CA GLN A 442 13.67 -19.63 -23.97
C GLN A 442 13.26 -20.22 -22.63
N LEU A 443 13.54 -19.52 -21.52
CA LEU A 443 13.11 -20.00 -20.22
C LEU A 443 11.58 -20.01 -20.10
N PHE A 444 10.90 -19.04 -20.72
CA PHE A 444 9.43 -19.06 -20.70
C PHE A 444 8.90 -20.27 -21.46
N GLU A 445 9.55 -20.64 -22.56
CA GLU A 445 9.11 -21.80 -23.31
C GLU A 445 9.25 -23.08 -22.49
N GLU A 446 10.30 -23.16 -21.67
CA GLU A 446 10.46 -24.29 -20.77
C GLU A 446 9.37 -24.31 -19.71
N GLN A 447 8.97 -23.13 -19.21
CA GLN A 447 7.89 -23.08 -18.24
C GLN A 447 6.55 -23.51 -18.85
N ALA A 448 6.32 -23.17 -20.13
CA ALA A 448 5.08 -23.56 -20.80
C ALA A 448 5.01 -25.07 -21.01
N LYS A 449 6.14 -25.72 -21.25
CA LYS A 449 6.14 -27.17 -21.38
C LYS A 449 5.80 -27.81 -20.04
N ALA A 450 6.47 -27.38 -18.98
CA ALA A 450 6.24 -27.97 -17.66
C ALA A 450 4.83 -27.75 -17.16
N LYS A 451 4.15 -26.70 -17.64
CA LYS A 451 2.74 -26.52 -17.28
C LYS A 451 1.87 -27.57 -17.95
N ALA A 452 2.11 -27.86 -19.23
CA ALA A 452 1.33 -28.88 -19.92
C ALA A 452 1.61 -30.27 -19.38
N ALA A 453 2.80 -30.48 -18.79
CA ALA A 453 3.17 -31.79 -18.25
C ALA A 453 2.60 -32.06 -16.87
N GLY A 454 1.99 -31.07 -16.21
CA GLY A 454 1.37 -31.30 -14.93
C GLY A 454 1.67 -30.29 -13.83
N ASP A 455 2.51 -29.29 -14.11
CA ASP A 455 2.88 -28.28 -13.11
C ASP A 455 1.94 -27.08 -13.25
N ASP A 456 0.92 -27.02 -12.37
CA ASP A 456 -0.07 -25.95 -12.42
C ASP A 456 0.43 -24.65 -11.81
N GLU A 457 1.61 -24.65 -11.20
CA GLU A 457 2.23 -23.42 -10.71
C GLU A 457 3.23 -22.80 -11.70
N ALA A 458 3.50 -23.47 -12.83
CA ALA A 458 4.48 -22.99 -13.79
C ALA A 458 4.00 -21.72 -14.51
N MET A 459 4.96 -20.89 -14.91
CA MET A 459 4.65 -19.59 -15.47
C MET A 459 4.11 -19.65 -16.90
N PHE A 460 3.23 -18.69 -17.20
CA PHE A 460 2.79 -18.44 -18.57
C PHE A 460 3.84 -17.64 -19.33
N ILE A 461 3.91 -17.87 -20.64
CA ILE A 461 4.72 -17.00 -21.50
C ILE A 461 4.12 -15.61 -21.51
N ASP A 462 4.97 -14.59 -21.39
CA ASP A 462 4.52 -13.21 -21.42
C ASP A 462 5.26 -12.53 -22.56
N GLU A 463 4.66 -12.53 -23.76
CA GLU A 463 5.35 -11.93 -24.89
C GLU A 463 5.47 -10.41 -24.77
N ASN A 464 4.51 -9.76 -24.10
CA ASN A 464 4.64 -8.31 -23.88
C ASN A 464 5.89 -7.99 -23.07
N PHE A 465 6.17 -8.79 -22.05
CA PHE A 465 7.35 -8.53 -21.24
C PHE A 465 8.63 -8.80 -22.03
N CYS A 466 8.63 -9.87 -22.83
CA CYS A 466 9.81 -10.17 -23.63
C CYS A 466 10.08 -9.06 -24.65
N THR A 467 9.01 -8.48 -25.20
CA THR A 467 9.17 -7.34 -26.10
C THR A 467 9.80 -6.15 -25.39
N ALA A 468 9.42 -5.92 -24.13
CA ALA A 468 10.04 -4.82 -23.40
C ALA A 468 11.53 -5.05 -23.24
N LEU A 469 11.93 -6.31 -22.97
CA LEU A 469 13.34 -6.65 -22.85
C LEU A 469 14.10 -6.37 -24.15
N GLU A 470 13.39 -6.42 -25.28
CA GLU A 470 14.03 -6.16 -26.57
C GLU A 470 14.41 -4.71 -26.75
N TYR A 471 13.80 -3.80 -25.99
CA TYR A 471 14.22 -2.41 -26.02
C TYR A 471 15.40 -2.11 -25.11
N GLY A 472 15.83 -3.08 -24.31
CA GLY A 472 17.00 -2.89 -23.46
C GLY A 472 16.65 -2.61 -22.01
N LEU A 473 16.69 -3.66 -21.18
CA LEU A 473 16.68 -3.50 -19.74
C LEU A 473 18.13 -3.37 -19.26
N PRO A 474 18.50 -2.30 -18.57
CA PRO A 474 19.87 -2.19 -18.04
C PRO A 474 20.15 -3.31 -17.08
N PRO A 475 21.42 -3.66 -16.89
CA PRO A 475 21.75 -4.60 -15.82
C PRO A 475 21.16 -4.07 -14.53
N THR A 476 20.47 -4.95 -13.81
CA THR A 476 19.52 -4.60 -12.74
C THR A 476 19.47 -5.75 -11.75
N ALA A 477 19.19 -5.45 -10.48
CA ALA A 477 18.92 -6.50 -9.52
C ALA A 477 17.64 -6.15 -8.79
N GLY A 478 16.82 -7.17 -8.52
CA GLY A 478 15.56 -6.95 -7.83
C GLY A 478 15.41 -7.88 -6.64
N TRP A 479 14.38 -7.62 -5.85
CA TRP A 479 14.31 -8.14 -4.49
C TRP A 479 12.88 -8.14 -4.03
N GLY A 480 12.49 -9.17 -3.27
CA GLY A 480 11.17 -9.20 -2.67
C GLY A 480 11.25 -9.66 -1.22
N MET A 481 10.41 -9.11 -0.34
CA MET A 481 10.38 -9.51 1.06
C MET A 481 8.94 -9.83 1.45
N GLY A 482 8.74 -10.93 2.18
CA GLY A 482 7.42 -11.24 2.72
C GLY A 482 7.19 -10.46 4.00
N ILE A 483 6.38 -9.41 3.93
CA ILE A 483 6.21 -8.53 5.09
C ILE A 483 5.55 -9.29 6.24
N ASP A 484 4.57 -10.16 5.94
CA ASP A 484 3.90 -10.85 7.03
C ASP A 484 4.86 -11.78 7.79
N ARG A 485 5.75 -12.46 7.08
CA ARG A 485 6.71 -13.31 7.78
C ARG A 485 7.66 -12.50 8.65
N VAL A 486 8.15 -11.37 8.14
CA VAL A 486 9.00 -10.53 8.98
C VAL A 486 8.25 -10.08 10.23
N ALA A 487 6.98 -9.69 10.05
CA ALA A 487 6.19 -9.28 11.21
C ALA A 487 6.03 -10.44 12.21
N MET A 488 5.88 -11.67 11.72
CA MET A 488 5.76 -12.81 12.65
C MET A 488 7.01 -12.94 13.50
N PHE A 489 8.19 -12.83 12.89
CA PHE A 489 9.44 -12.98 13.65
C PHE A 489 9.67 -11.82 14.61
N LEU A 490 9.22 -10.62 14.29
CA LEU A 490 9.43 -9.49 15.19
C LEU A 490 8.31 -9.34 16.21
N THR A 491 7.26 -10.16 16.14
CA THR A 491 6.22 -10.14 17.16
C THR A 491 6.16 -11.45 17.92
N ASP A 492 7.11 -12.36 17.68
CA ASP A 492 7.10 -13.71 18.26
C ASP A 492 5.75 -14.39 18.02
N SER A 493 5.32 -14.39 16.77
CA SER A 493 4.16 -15.15 16.34
C SER A 493 4.61 -16.31 15.47
N ASN A 494 4.05 -17.51 15.68
CA ASN A 494 4.34 -18.59 14.75
C ASN A 494 3.16 -18.91 13.85
N ASN A 495 2.09 -18.13 13.94
CA ASN A 495 0.90 -18.28 13.12
C ASN A 495 0.69 -16.97 12.36
N ILE A 496 0.53 -17.04 11.04
CA ILE A 496 0.37 -15.81 10.28
C ILE A 496 -0.91 -15.04 10.68
N LYS A 497 -1.90 -15.74 11.25
CA LYS A 497 -3.14 -15.07 11.64
C LYS A 497 -2.92 -14.05 12.73
N GLU A 498 -1.84 -14.19 13.51
CA GLU A 498 -1.52 -13.21 14.54
C GLU A 498 -1.14 -11.84 13.98
N VAL A 499 -0.69 -11.76 12.72
CA VAL A 499 -0.18 -10.50 12.17
C VAL A 499 -1.06 -9.97 11.04
N LEU A 500 -2.24 -10.55 10.84
CA LEU A 500 -3.24 -10.07 9.90
C LEU A 500 -4.45 -9.62 10.70
N LEU A 501 -4.91 -8.38 10.51
CA LEU A 501 -6.03 -7.91 11.32
C LEU A 501 -7.26 -8.79 11.15
N PHE A 502 -7.56 -9.18 9.91
CA PHE A 502 -8.76 -9.96 9.59
C PHE A 502 -8.34 -11.14 8.71
N PRO A 503 -7.72 -12.16 9.30
CA PRO A 503 -7.26 -13.30 8.50
C PRO A 503 -8.43 -14.05 7.88
N ALA A 504 -8.17 -14.67 6.74
CA ALA A 504 -9.20 -15.46 6.08
C ALA A 504 -9.53 -16.66 6.94
N MET A 505 -10.82 -16.95 7.09
CA MET A 505 -11.26 -18.01 8.00
C MET A 505 -12.26 -18.88 7.28
N LYS A 506 -12.20 -20.18 7.55
CA LYS A 506 -13.21 -21.09 6.99
C LYS A 506 -14.58 -20.70 7.55
N PRO A 507 -15.65 -20.84 6.77
CA PRO A 507 -16.97 -20.45 7.28
C PRO A 507 -17.35 -21.30 8.49
N GLU A 508 -18.05 -20.67 9.43
CA GLU A 508 -18.37 -21.33 10.68
C GLU A 508 -19.67 -22.12 10.62
N ASP B 4 10.52 -1.86 -42.54
CA ASP B 4 11.86 -1.35 -42.25
C ASP B 4 12.21 -1.35 -40.75
N PRO B 5 11.27 -0.97 -39.87
CA PRO B 5 11.47 -1.32 -38.46
C PRO B 5 11.59 -2.82 -38.23
N ASN B 6 10.87 -3.61 -39.04
CA ASN B 6 11.01 -5.07 -38.97
C ASN B 6 12.36 -5.51 -39.47
N GLN B 7 12.83 -4.89 -40.57
CA GLN B 7 14.17 -5.16 -41.05
C GLN B 7 15.22 -4.74 -40.02
N TYR B 8 14.99 -3.59 -39.36
CA TYR B 8 15.94 -3.14 -38.36
C TYR B 8 16.09 -4.16 -37.26
N TYR B 9 14.97 -4.72 -36.81
CA TYR B 9 15.00 -5.64 -35.69
C TYR B 9 15.66 -6.95 -36.08
N LYS B 10 15.40 -7.44 -37.29
CA LYS B 10 16.05 -8.64 -37.75
C LYS B 10 17.55 -8.45 -37.84
N ILE B 11 17.99 -7.31 -38.38
CA ILE B 11 19.42 -7.06 -38.55
C ILE B 11 20.09 -6.87 -37.18
N ARG B 12 19.51 -6.07 -36.30
CA ARG B 12 20.17 -5.86 -35.02
C ARG B 12 20.17 -7.15 -34.18
N SER B 13 19.09 -7.94 -34.25
CA SER B 13 19.05 -9.18 -33.48
C SER B 13 20.16 -10.12 -33.90
N GLN B 14 20.37 -10.23 -35.21
CA GLN B 14 21.45 -11.07 -35.71
C GLN B 14 22.81 -10.54 -35.28
N ALA B 15 22.96 -9.21 -35.26
CA ALA B 15 24.25 -8.65 -34.84
C ALA B 15 24.52 -8.95 -33.37
N ILE B 16 23.49 -8.85 -32.52
CA ILE B 16 23.67 -9.15 -31.11
C ILE B 16 23.93 -10.64 -30.89
N HIS B 17 23.26 -11.49 -31.66
CA HIS B 17 23.55 -12.92 -31.56
C HIS B 17 24.98 -13.21 -31.97
N GLN B 18 25.50 -12.49 -32.96
CA GLN B 18 26.90 -12.68 -33.35
C GLN B 18 27.84 -12.28 -32.23
N LEU B 19 27.53 -11.21 -31.50
CA LEU B 19 28.39 -10.81 -30.40
C LEU B 19 28.46 -11.89 -29.33
N LYS B 20 27.33 -12.58 -29.08
CA LYS B 20 27.35 -13.65 -28.09
C LYS B 20 28.21 -14.80 -28.57
N VAL B 21 28.13 -15.11 -29.86
CA VAL B 21 28.93 -16.20 -30.43
C VAL B 21 30.41 -15.88 -30.30
N ASN B 22 30.77 -14.62 -30.50
CA ASN B 22 32.17 -14.18 -30.48
C ASN B 22 32.68 -13.93 -29.08
N GLY B 23 31.87 -14.21 -28.06
CA GLY B 23 32.32 -14.03 -26.69
C GLY B 23 32.45 -12.59 -26.28
N GLU B 24 31.68 -11.70 -26.88
CA GLU B 24 31.77 -10.30 -26.51
C GLU B 24 30.75 -9.87 -25.47
N ASP B 25 29.91 -10.78 -24.98
CA ASP B 25 29.08 -10.52 -23.79
C ASP B 25 28.24 -9.25 -23.92
N PRO B 26 27.25 -9.18 -24.81
CA PRO B 26 26.46 -7.95 -24.96
C PRO B 26 25.53 -7.61 -23.78
N TYR B 27 25.31 -8.53 -22.82
CA TYR B 27 24.54 -8.23 -21.62
C TYR B 27 25.42 -8.51 -20.40
N PRO B 28 26.42 -7.67 -20.13
CA PRO B 28 27.32 -7.94 -19.00
C PRO B 28 26.61 -7.84 -17.66
N HIS B 29 27.15 -8.57 -16.68
CA HIS B 29 26.42 -8.70 -15.41
C HIS B 29 26.47 -7.43 -14.57
N LYS B 30 27.62 -6.73 -14.56
CA LYS B 30 27.78 -5.64 -13.62
C LYS B 30 28.68 -4.55 -14.18
N PHE B 31 28.20 -3.31 -14.12
CA PHE B 31 28.98 -2.13 -14.43
C PHE B 31 28.93 -1.21 -13.21
N HIS B 32 30.09 -0.72 -12.78
CA HIS B 32 30.21 0.00 -11.50
C HIS B 32 30.00 1.50 -11.68
N VAL B 33 28.73 1.92 -11.68
CA VAL B 33 28.43 3.34 -11.80
C VAL B 33 28.94 4.08 -10.55
N ASP B 34 29.68 5.17 -10.77
CA ASP B 34 30.37 6.00 -9.78
C ASP B 34 29.52 7.15 -9.29
N ILE B 35 28.77 7.75 -10.22
CA ILE B 35 28.09 9.01 -9.99
C ILE B 35 26.88 9.04 -10.91
N SER B 36 25.78 9.61 -10.42
CA SER B 36 24.59 9.81 -11.24
C SER B 36 24.81 10.91 -12.28
N LEU B 37 24.05 10.87 -13.37
CA LEU B 37 24.19 11.93 -14.37
C LEU B 37 23.83 13.28 -13.75
N THR B 38 22.85 13.29 -12.86
CA THR B 38 22.44 14.52 -12.21
C THR B 38 23.57 15.12 -11.39
N ASP B 39 24.21 14.30 -10.56
CA ASP B 39 25.34 14.78 -9.76
C ASP B 39 26.51 15.18 -10.63
N PHE B 40 26.71 14.49 -11.75
CA PHE B 40 27.80 14.86 -12.65
C PHE B 40 27.59 16.27 -13.18
N ILE B 41 26.35 16.59 -13.59
CA ILE B 41 26.04 17.90 -14.14
C ILE B 41 26.21 18.98 -13.09
N GLN B 42 25.73 18.71 -11.86
CA GLN B 42 25.87 19.68 -10.78
C GLN B 42 27.32 19.91 -10.42
N LYS B 43 28.12 18.84 -10.36
CA LYS B 43 29.49 18.95 -9.91
C LYS B 43 30.36 19.71 -10.92
N TYR B 44 30.09 19.56 -12.21
CA TYR B 44 31.02 20.04 -13.23
C TYR B 44 30.43 21.09 -14.18
N SER B 45 29.25 21.64 -13.88
CA SER B 45 28.71 22.69 -14.74
C SER B 45 29.56 23.95 -14.69
N HIS B 46 30.36 24.12 -13.63
CA HIS B 46 31.21 25.28 -13.43
C HIS B 46 32.40 25.33 -14.37
N LEU B 47 32.69 24.24 -15.08
CA LEU B 47 33.82 24.20 -16.00
C LEU B 47 33.69 25.28 -17.08
N GLN B 48 34.84 25.79 -17.52
CA GLN B 48 34.95 26.72 -18.64
C GLN B 48 35.01 25.96 -19.96
N PRO B 49 34.59 26.58 -21.07
CA PRO B 49 34.68 25.89 -22.36
C PRO B 49 36.12 25.51 -22.69
N GLY B 50 36.28 24.30 -23.24
CA GLY B 50 37.58 23.75 -23.55
C GLY B 50 38.24 22.99 -22.41
N ASP B 51 37.69 23.04 -21.20
CA ASP B 51 38.32 22.37 -20.07
C ASP B 51 38.28 20.86 -20.24
N HIS B 52 39.28 20.20 -19.65
CA HIS B 52 39.34 18.74 -19.68
C HIS B 52 40.08 18.30 -18.42
N LEU B 53 39.34 17.77 -17.44
CA LEU B 53 39.91 17.36 -16.17
C LEU B 53 40.48 15.96 -16.31
N THR B 54 41.72 15.88 -16.77
CA THR B 54 42.35 14.58 -17.03
C THR B 54 42.64 13.78 -15.77
N ASP B 55 42.64 14.42 -14.60
CA ASP B 55 42.92 13.71 -13.35
C ASP B 55 41.69 13.02 -12.76
N ILE B 56 40.48 13.44 -13.11
CA ILE B 56 39.25 12.86 -12.56
C ILE B 56 38.72 11.82 -13.53
N THR B 57 38.54 10.57 -13.10
CA THR B 57 37.79 9.61 -13.92
C THR B 57 36.60 9.06 -13.15
N LEU B 58 35.51 8.92 -13.88
CA LEU B 58 34.21 8.62 -13.31
C LEU B 58 33.52 7.64 -14.23
N LYS B 59 32.62 6.82 -13.68
CA LYS B 59 31.79 5.94 -14.47
C LYS B 59 30.32 6.36 -14.36
N VAL B 60 29.68 6.55 -15.52
CA VAL B 60 28.27 6.86 -15.62
C VAL B 60 27.62 5.84 -16.54
N ALA B 61 26.29 5.85 -16.58
CA ALA B 61 25.56 4.99 -17.49
C ALA B 61 24.24 5.64 -17.88
N GLY B 62 23.69 5.21 -19.00
CA GLY B 62 22.38 5.66 -19.42
C GLY B 62 22.05 5.10 -20.79
N ARG B 63 21.04 5.67 -21.43
CA ARG B 63 20.56 5.21 -22.73
C ARG B 63 20.96 6.20 -23.82
N ILE B 64 21.48 5.69 -24.95
CA ILE B 64 21.87 6.56 -26.06
C ILE B 64 20.61 7.05 -26.77
N HIS B 65 20.46 8.37 -26.83
CA HIS B 65 19.37 8.93 -27.64
C HIS B 65 19.83 9.51 -28.96
N ALA B 66 21.12 9.77 -29.15
CA ALA B 66 21.58 10.27 -30.44
C ALA B 66 23.06 9.89 -30.59
N LYS B 67 23.46 9.74 -31.85
CA LYS B 67 24.84 9.42 -32.21
C LYS B 67 25.24 10.28 -33.40
N ARG B 68 26.34 11.02 -33.27
CA ARG B 68 26.74 11.95 -34.33
C ARG B 68 28.24 11.86 -34.55
N ALA B 69 28.64 11.43 -35.74
CA ALA B 69 30.05 11.39 -36.10
C ALA B 69 30.51 12.77 -36.55
N SER B 70 31.75 13.09 -36.26
CA SER B 70 32.34 14.36 -36.68
C SER B 70 33.75 14.07 -37.17
N GLY B 71 33.89 13.82 -38.46
CA GLY B 71 35.13 13.31 -38.97
C GLY B 71 35.24 11.84 -38.64
N GLY B 72 36.45 11.30 -38.80
CA GLY B 72 36.66 9.90 -38.54
C GLY B 72 37.12 9.54 -37.15
N LYS B 73 37.41 10.52 -36.29
CA LYS B 73 38.03 10.22 -35.01
C LYS B 73 37.27 10.83 -33.85
N LEU B 74 36.03 11.26 -34.08
CA LEU B 74 35.26 11.94 -33.06
C LEU B 74 33.79 11.57 -33.23
N ILE B 75 33.17 11.17 -32.13
CA ILE B 75 31.75 10.81 -32.16
C ILE B 75 31.11 11.32 -30.88
N PHE B 76 29.92 11.92 -31.01
CA PHE B 76 29.19 12.42 -29.87
C PHE B 76 28.00 11.49 -29.62
N TYR B 77 27.81 11.09 -28.36
CA TYR B 77 26.60 10.37 -27.95
C TYR B 77 25.82 11.24 -26.98
N ASP B 78 24.51 11.38 -27.23
CA ASP B 78 23.58 12.02 -26.29
C ASP B 78 23.12 10.94 -25.30
N LEU B 79 23.64 10.99 -24.08
CA LEU B 79 23.35 9.98 -23.06
C LEU B 79 22.28 10.50 -22.10
N ARG B 80 21.21 9.73 -21.90
CA ARG B 80 20.10 10.21 -21.09
C ARG B 80 19.79 9.27 -19.92
N GLY B 81 19.36 9.88 -18.82
CA GLY B 81 18.80 9.11 -17.72
C GLY B 81 18.44 10.09 -16.62
N GLU B 82 17.61 9.62 -15.68
CA GLU B 82 17.20 10.42 -14.52
C GLU B 82 16.49 11.71 -14.92
N GLY B 83 16.02 11.79 -16.15
CA GLY B 83 15.38 13.00 -16.64
C GLY B 83 16.33 14.08 -17.11
N VAL B 84 17.64 13.80 -17.22
CA VAL B 84 18.61 14.77 -17.67
C VAL B 84 19.39 14.16 -18.83
N LYS B 85 20.36 14.90 -19.35
CA LYS B 85 21.18 14.39 -20.44
C LYS B 85 22.62 14.86 -20.27
N LEU B 86 23.54 14.06 -20.81
CA LEU B 86 24.98 14.37 -20.76
C LEU B 86 25.59 13.98 -22.10
N GLN B 87 26.38 14.87 -22.68
CA GLN B 87 27.08 14.53 -23.91
C GLN B 87 28.28 13.65 -23.60
N VAL B 88 28.45 12.58 -24.38
CA VAL B 88 29.68 11.80 -24.41
C VAL B 88 30.46 12.25 -25.63
N MET B 89 31.67 12.77 -25.41
CA MET B 89 32.52 13.23 -26.50
C MET B 89 33.66 12.24 -26.64
N ALA B 90 33.48 11.29 -27.56
CA ALA B 90 34.43 10.18 -27.72
C ALA B 90 35.38 10.53 -28.85
N ASN B 91 36.60 10.90 -28.51
CA ASN B 91 37.66 11.09 -29.50
C ASN B 91 38.67 9.96 -29.37
N SER B 92 39.21 9.53 -30.50
CA SER B 92 40.10 8.39 -30.46
C SER B 92 41.36 8.71 -29.67
N ARG B 93 41.75 9.98 -29.61
CA ARG B 93 42.98 10.34 -28.91
C ARG B 93 42.90 10.04 -27.42
N ASN B 94 41.70 10.07 -26.83
CA ASN B 94 41.55 9.77 -25.42
C ASN B 94 41.08 8.34 -25.15
N TYR B 95 40.66 7.61 -26.17
CA TYR B 95 40.13 6.27 -25.95
C TYR B 95 41.28 5.32 -25.62
N LYS B 96 40.95 4.21 -24.98
CA LYS B 96 41.95 3.23 -24.55
C LYS B 96 42.88 2.82 -25.70
N SER B 97 42.35 2.63 -26.91
CA SER B 97 43.16 2.34 -28.10
C SER B 97 42.37 2.62 -29.36
N GLU B 98 43.07 2.91 -30.47
CA GLU B 98 42.34 3.25 -31.69
C GLU B 98 41.58 2.06 -32.26
N GLU B 99 42.10 0.84 -32.12
CA GLU B 99 41.38 -0.33 -32.61
C GLU B 99 40.10 -0.57 -31.80
N GLU B 100 40.17 -0.35 -30.49
CA GLU B 100 38.99 -0.54 -29.67
C GLU B 100 37.98 0.58 -29.87
N PHE B 101 38.46 1.79 -30.16
CA PHE B 101 37.56 2.91 -30.44
C PHE B 101 36.72 2.63 -31.67
N ILE B 102 37.36 2.15 -32.74
CA ILE B 102 36.60 1.81 -33.94
C ILE B 102 35.60 0.71 -33.64
N HIS B 103 36.03 -0.28 -32.86
CA HIS B 103 35.17 -1.44 -32.63
C HIS B 103 33.93 -1.08 -31.84
N ILE B 104 34.07 -0.28 -30.77
CA ILE B 104 32.88 0.04 -29.98
C ILE B 104 31.92 0.94 -30.76
N ASN B 105 32.46 1.93 -31.49
CA ASN B 105 31.56 2.82 -32.24
C ASN B 105 30.81 2.10 -33.32
N ASN B 106 31.44 1.11 -33.96
CA ASN B 106 30.71 0.31 -34.94
C ASN B 106 29.64 -0.56 -34.30
N LYS B 107 29.80 -0.90 -33.01
CA LYS B 107 28.83 -1.74 -32.31
C LYS B 107 27.59 -0.96 -31.85
N LEU B 108 27.78 0.27 -31.38
CA LEU B 108 26.71 0.99 -30.67
C LEU B 108 25.66 1.57 -31.62
N ARG B 109 24.43 1.65 -31.13
CA ARG B 109 23.31 2.23 -31.87
C ARG B 109 22.45 3.04 -30.94
N ARG B 110 21.68 3.95 -31.52
CA ARG B 110 20.70 4.69 -30.75
C ARG B 110 19.76 3.72 -30.02
N GLY B 111 19.47 4.02 -28.73
CA GLY B 111 18.69 3.16 -27.85
C GLY B 111 19.50 2.25 -26.94
N ASP B 112 20.76 1.97 -27.25
CA ASP B 112 21.57 1.08 -26.40
C ASP B 112 21.80 1.70 -25.03
N ILE B 113 21.79 0.84 -24.00
CA ILE B 113 22.27 1.22 -22.68
C ILE B 113 23.78 1.04 -22.66
N ILE B 114 24.50 2.07 -22.21
CA ILE B 114 25.97 2.00 -22.17
C ILE B 114 26.49 2.48 -20.83
N GLY B 115 27.67 1.98 -20.48
CA GLY B 115 28.47 2.50 -19.36
C GLY B 115 29.68 3.23 -19.90
N VAL B 116 29.99 4.37 -19.33
CA VAL B 116 31.07 5.21 -19.82
C VAL B 116 32.05 5.49 -18.68
N GLN B 117 33.32 5.23 -18.92
CA GLN B 117 34.37 5.58 -17.96
C GLN B 117 35.20 6.68 -18.59
N GLY B 118 35.29 7.84 -17.94
CA GLY B 118 36.04 8.93 -18.54
C GLY B 118 36.11 10.16 -17.66
N ASN B 119 36.57 11.28 -18.29
CA ASN B 119 36.87 12.51 -17.57
C ASN B 119 35.84 13.59 -17.84
N PRO B 120 35.54 14.43 -16.86
CA PRO B 120 34.73 15.63 -17.14
C PRO B 120 35.45 16.58 -18.09
N GLY B 121 34.67 17.23 -18.95
CA GLY B 121 35.20 18.26 -19.82
C GLY B 121 34.09 19.14 -20.37
N LYS B 122 34.50 20.17 -21.09
CA LYS B 122 33.55 21.06 -21.74
C LYS B 122 34.06 21.36 -23.15
N THR B 123 33.17 21.28 -24.13
CA THR B 123 33.60 21.53 -25.50
C THR B 123 33.87 23.02 -25.69
N LYS B 124 34.55 23.36 -26.80
CA LYS B 124 34.78 24.76 -27.10
C LYS B 124 33.46 25.54 -27.21
N LYS B 125 32.40 24.88 -27.67
CA LYS B 125 31.07 25.47 -27.69
C LYS B 125 30.38 25.44 -26.33
N GLY B 126 31.05 24.99 -25.28
CA GLY B 126 30.52 25.09 -23.93
C GLY B 126 29.59 23.99 -23.46
N GLU B 127 29.53 22.85 -24.15
CA GLU B 127 28.67 21.74 -23.73
C GLU B 127 29.42 20.83 -22.75
N LEU B 128 28.88 20.66 -21.56
CA LEU B 128 29.46 19.73 -20.59
C LEU B 128 29.49 18.32 -21.15
N SER B 129 30.59 17.61 -20.94
CA SER B 129 30.77 16.33 -21.58
C SER B 129 31.58 15.42 -20.66
N ILE B 130 31.46 14.11 -20.91
CA ILE B 130 32.40 13.13 -20.37
C ILE B 130 33.22 12.61 -21.55
N ILE B 131 34.54 12.57 -21.38
CA ILE B 131 35.47 12.17 -22.43
C ILE B 131 35.91 10.75 -22.10
N PRO B 132 35.50 9.74 -22.88
CA PRO B 132 35.66 8.36 -22.42
C PRO B 132 37.06 7.83 -22.66
N TYR B 133 37.56 7.12 -21.64
CA TYR B 133 38.61 6.14 -21.85
C TYR B 133 38.06 4.83 -22.40
N GLU B 134 36.84 4.47 -21.99
CA GLU B 134 36.25 3.21 -22.43
C GLU B 134 34.73 3.33 -22.36
N ILE B 135 34.05 2.78 -23.37
CA ILE B 135 32.60 2.67 -23.39
C ILE B 135 32.23 1.20 -23.42
N THR B 136 31.22 0.80 -22.66
CA THR B 136 30.80 -0.59 -22.60
C THR B 136 29.34 -0.71 -22.96
N LEU B 137 29.02 -1.59 -23.91
CA LEU B 137 27.61 -1.91 -24.20
C LEU B 137 27.05 -2.69 -23.02
N LEU B 138 25.99 -2.17 -22.39
CA LEU B 138 25.37 -2.88 -21.26
C LEU B 138 24.08 -3.60 -21.63
N SER B 139 23.31 -3.06 -22.57
CA SER B 139 22.08 -3.73 -23.01
C SER B 139 21.64 -3.12 -24.33
N PRO B 140 21.76 -3.85 -25.44
CA PRO B 140 21.37 -3.32 -26.76
C PRO B 140 19.87 -3.13 -26.90
N CYS B 141 19.50 -2.13 -27.71
CA CYS B 141 18.11 -1.93 -28.10
C CYS B 141 17.91 -2.57 -29.47
N LEU B 142 17.05 -3.59 -29.55
CA LEU B 142 16.92 -4.35 -30.80
C LEU B 142 15.99 -3.65 -31.79
N HIS B 143 15.19 -2.72 -31.32
CA HIS B 143 14.20 -2.03 -32.13
C HIS B 143 14.67 -0.61 -32.44
N MET B 144 14.08 -0.04 -33.48
CA MET B 144 14.31 1.36 -33.76
C MET B 144 13.60 2.22 -32.71
N LEU B 145 14.37 2.98 -31.95
CA LEU B 145 13.75 3.85 -30.96
C LEU B 145 12.97 4.95 -31.66
N PRO B 146 11.73 5.22 -31.24
CA PRO B 146 11.02 6.37 -31.78
C PRO B 146 11.61 7.67 -31.26
N HIS B 147 11.26 8.76 -31.95
CA HIS B 147 11.88 10.05 -31.73
C HIS B 147 10.80 11.11 -31.47
N LEU B 148 11.23 12.20 -30.79
CA LEU B 148 10.44 13.42 -30.48
C LEU B 148 9.76 13.27 -29.12
N ASP B 154 -0.95 6.07 -31.08
CA ASP B 154 -1.27 7.39 -30.56
C ASP B 154 -1.16 7.39 -29.04
N LYS B 155 -2.20 7.90 -28.37
CA LYS B 155 -2.24 7.77 -26.91
C LYS B 155 -2.30 6.31 -26.51
N GLU B 156 -2.87 5.45 -27.37
CA GLU B 156 -2.94 4.04 -27.03
C GLU B 156 -1.56 3.42 -26.88
N THR B 157 -0.62 3.76 -27.78
CA THR B 157 0.71 3.19 -27.70
C THR B 157 1.43 3.63 -26.44
N ARG B 158 1.22 4.88 -26.04
CA ARG B 158 1.83 5.38 -24.80
C ARG B 158 1.35 4.58 -23.60
N TYR B 159 0.08 4.17 -23.61
CA TYR B 159 -0.48 3.44 -22.48
C TYR B 159 -0.22 1.95 -22.57
N ARG B 160 -0.14 1.38 -23.78
CA ARG B 160 0.16 -0.04 -23.94
C ARG B 160 1.65 -0.35 -23.85
N GLN B 161 2.52 0.63 -24.08
CA GLN B 161 3.97 0.45 -23.96
C GLN B 161 4.50 1.61 -23.13
N ARG B 162 4.15 1.59 -21.84
CA ARG B 162 4.47 2.73 -21.00
C ARG B 162 5.97 2.99 -20.93
N TYR B 163 6.79 1.94 -21.07
CA TYR B 163 8.24 2.14 -21.02
C TYR B 163 8.72 3.01 -22.19
N LEU B 164 8.09 2.87 -23.37
CA LEU B 164 8.44 3.75 -24.48
C LEU B 164 8.02 5.18 -24.18
N ASP B 165 6.84 5.34 -23.58
CA ASP B 165 6.38 6.66 -23.18
C ASP B 165 7.36 7.31 -22.22
N LEU B 166 7.87 6.52 -21.27
CA LEU B 166 8.81 7.06 -20.29
C LEU B 166 10.15 7.42 -20.92
N ILE B 167 10.59 6.64 -21.89
CA ILE B 167 11.87 6.94 -22.55
C ILE B 167 11.77 8.24 -23.34
N LEU B 168 10.65 8.43 -24.04
CA LEU B 168 10.51 9.52 -24.99
C LEU B 168 10.05 10.84 -24.36
N ASN B 169 9.24 10.79 -23.29
CA ASN B 169 8.47 11.94 -22.82
C ASN B 169 8.85 12.28 -21.38
N ASP B 170 9.65 13.33 -21.22
CA ASP B 170 10.16 13.68 -19.90
C ASP B 170 9.03 14.00 -18.93
N PHE B 171 7.93 14.57 -19.40
CA PHE B 171 6.85 14.95 -18.49
C PHE B 171 6.22 13.75 -17.81
N VAL B 172 6.32 12.56 -18.40
CA VAL B 172 5.59 11.40 -17.87
C VAL B 172 6.17 10.98 -16.53
N ARG B 173 7.51 10.87 -16.45
CA ARG B 173 8.15 10.59 -15.16
C ARG B 173 7.71 11.58 -14.09
N GLN B 174 7.61 12.87 -14.45
CA GLN B 174 7.27 13.88 -13.46
C GLN B 174 5.87 13.69 -12.91
N LYS B 175 4.93 13.21 -13.74
CA LYS B 175 3.59 12.95 -13.21
C LYS B 175 3.63 11.86 -12.15
N PHE B 176 4.45 10.83 -12.35
CA PHE B 176 4.46 9.75 -11.35
C PHE B 176 5.28 10.10 -10.14
N ILE B 177 6.22 11.04 -10.27
CA ILE B 177 6.87 11.57 -9.08
C ILE B 177 5.86 12.35 -8.26
N ILE B 178 5.04 13.18 -8.92
CA ILE B 178 4.02 13.94 -8.20
C ILE B 178 3.01 13.00 -7.53
N ARG B 179 2.62 11.93 -8.21
CA ARG B 179 1.68 11.01 -7.59
C ARG B 179 2.27 10.40 -6.32
N SER B 180 3.54 10.00 -6.37
CA SER B 180 4.19 9.45 -5.19
C SER B 180 4.29 10.51 -4.09
N LYS B 181 4.57 11.77 -4.46
CA LYS B 181 4.67 12.81 -3.44
C LYS B 181 3.33 13.03 -2.74
N ILE B 182 2.22 12.95 -3.49
CA ILE B 182 0.91 13.08 -2.88
C ILE B 182 0.70 12.03 -1.80
N ILE B 183 0.98 10.76 -2.14
CA ILE B 183 0.72 9.68 -1.21
C ILE B 183 1.63 9.79 0.01
N THR B 184 2.91 10.11 -0.22
CA THR B 184 3.84 10.24 0.90
C THR B 184 3.46 11.40 1.80
N TYR B 185 2.95 12.48 1.21
CA TYR B 185 2.49 13.61 2.00
C TYR B 185 1.32 13.21 2.89
N ILE B 186 0.36 12.49 2.33
CA ILE B 186 -0.79 12.08 3.14
C ILE B 186 -0.36 11.18 4.29
N ARG B 187 0.54 10.22 4.03
CA ARG B 187 0.98 9.37 5.14
C ARG B 187 1.65 10.18 6.24
N SER B 188 2.47 11.15 5.85
CA SER B 188 3.15 11.99 6.84
CA SER B 188 3.15 11.97 6.85
C SER B 188 2.15 12.79 7.65
N PHE B 189 1.15 13.35 6.99
CA PHE B 189 0.13 14.15 7.65
C PHE B 189 -0.62 13.32 8.69
N LEU B 190 -1.06 12.12 8.30
CA LEU B 190 -1.84 11.33 9.23
C LEU B 190 -0.95 10.69 10.28
N ASP B 191 0.26 10.25 9.92
CA ASP B 191 1.15 9.68 10.96
C ASP B 191 1.42 10.72 12.04
N GLU B 192 1.62 11.98 11.65
CA GLU B 192 1.87 13.07 12.59
CA GLU B 192 1.88 13.07 12.58
C GLU B 192 0.69 13.35 13.50
N LEU B 193 -0.52 13.00 13.06
CA LEU B 193 -1.72 13.17 13.89
C LEU B 193 -2.02 11.94 14.75
N GLY B 194 -1.11 10.96 14.80
CA GLY B 194 -1.33 9.80 15.65
C GLY B 194 -2.17 8.70 15.05
N PHE B 195 -2.35 8.69 13.73
CA PHE B 195 -3.06 7.59 13.07
C PHE B 195 -2.14 6.39 12.90
N LEU B 196 -2.73 5.20 12.97
CA LEU B 196 -2.05 3.94 12.69
C LEU B 196 -2.36 3.48 11.27
N GLU B 197 -1.31 3.24 10.46
CA GLU B 197 -1.51 2.74 9.09
C GLU B 197 -1.81 1.25 9.16
N ILE B 198 -2.93 0.82 8.58
CA ILE B 198 -3.38 -0.57 8.70
C ILE B 198 -3.65 -1.18 7.32
N GLU B 199 -3.77 -2.51 7.30
CA GLU B 199 -4.15 -3.25 6.11
C GLU B 199 -5.34 -4.16 6.44
N THR B 200 -6.39 -4.08 5.63
CA THR B 200 -7.59 -4.88 5.86
C THR B 200 -7.88 -5.66 4.58
N PRO B 201 -8.73 -6.69 4.66
CA PRO B 201 -8.82 -7.66 3.54
C PRO B 201 -9.28 -7.05 2.23
N MET B 202 -8.61 -7.46 1.14
CA MET B 202 -9.09 -7.09 -0.19
C MET B 202 -10.05 -8.11 -0.78
N MET B 203 -10.17 -9.28 -0.16
CA MET B 203 -11.12 -10.31 -0.56
C MET B 203 -12.13 -10.50 0.56
N ASN B 204 -13.42 -10.37 0.24
CA ASN B 204 -14.48 -10.38 1.26
C ASN B 204 -15.58 -11.38 0.91
N ILE B 205 -16.19 -11.97 1.95
CA ILE B 205 -17.39 -12.77 1.69
C ILE B 205 -18.55 -11.86 1.27
N ILE B 206 -18.62 -10.66 1.84
CA ILE B 206 -19.65 -9.67 1.50
C ILE B 206 -18.97 -8.34 1.21
N PRO B 207 -18.93 -7.87 -0.03
CA PRO B 207 -18.40 -6.52 -0.27
C PRO B 207 -19.32 -5.47 0.34
N GLY B 208 -18.72 -4.37 0.84
CA GLY B 208 -19.53 -3.32 1.42
C GLY B 208 -18.75 -2.01 1.51
N GLY B 209 -19.42 -0.99 2.04
CA GLY B 209 -18.79 0.31 2.25
C GLY B 209 -18.91 1.28 1.10
N ALA B 210 -19.54 0.87 0.00
CA ALA B 210 -19.71 1.72 -1.17
C ALA B 210 -20.83 1.14 -2.02
N VAL B 211 -21.23 1.90 -3.03
CA VAL B 211 -22.18 1.45 -4.05
C VAL B 211 -21.37 1.08 -5.29
N ALA B 212 -21.30 -0.20 -5.61
CA ALA B 212 -20.47 -0.59 -6.75
C ALA B 212 -20.79 -2.01 -7.14
N LYS B 213 -20.63 -2.32 -8.42
CA LYS B 213 -20.68 -3.71 -8.85
C LYS B 213 -19.32 -4.35 -8.62
N PRO B 214 -19.26 -5.48 -7.91
CA PRO B 214 -17.97 -6.06 -7.53
C PRO B 214 -17.46 -7.10 -8.53
N PHE B 215 -16.15 -7.34 -8.45
CA PHE B 215 -15.55 -8.53 -9.05
C PHE B 215 -15.76 -9.71 -8.13
N ILE B 216 -16.02 -10.89 -8.72
CA ILE B 216 -16.23 -12.11 -7.97
C ILE B 216 -15.17 -13.12 -8.38
N THR B 217 -14.72 -13.92 -7.42
CA THR B 217 -13.68 -14.88 -7.67
C THR B 217 -13.90 -16.11 -6.79
N TYR B 218 -13.37 -17.24 -7.23
CA TYR B 218 -13.60 -18.50 -6.54
C TYR B 218 -12.33 -18.92 -5.79
N HIS B 219 -12.47 -19.28 -4.52
CA HIS B 219 -11.38 -19.88 -3.76
C HIS B 219 -11.59 -21.39 -3.68
N ASN B 220 -10.59 -22.16 -4.09
CA ASN B 220 -10.83 -23.59 -4.35
C ASN B 220 -10.84 -24.42 -3.07
N GLU B 221 -9.83 -24.26 -2.21
CA GLU B 221 -9.79 -25.08 -1.00
C GLU B 221 -10.98 -24.79 -0.10
N LEU B 222 -11.51 -23.57 -0.14
CA LEU B 222 -12.70 -23.22 0.63
C LEU B 222 -14.01 -23.43 -0.13
N ASP B 223 -13.95 -23.74 -1.41
CA ASP B 223 -15.13 -23.96 -2.25
C ASP B 223 -16.20 -22.89 -2.02
N MET B 224 -15.80 -21.63 -2.24
CA MET B 224 -16.75 -20.55 -2.09
C MET B 224 -16.27 -19.31 -2.83
N ASN B 225 -17.24 -18.55 -3.33
CA ASN B 225 -16.94 -17.29 -4.00
C ASN B 225 -16.52 -16.21 -3.00
N LEU B 226 -15.59 -15.37 -3.43
CA LEU B 226 -15.18 -14.20 -2.68
C LEU B 226 -15.31 -12.99 -3.60
N TYR B 227 -15.46 -11.83 -3.01
CA TYR B 227 -15.56 -10.58 -3.77
C TYR B 227 -14.34 -9.73 -3.52
N MET B 228 -13.84 -9.06 -4.57
CA MET B 228 -12.80 -8.06 -4.35
C MET B 228 -13.42 -6.84 -3.70
N ARG B 229 -12.67 -6.20 -2.79
CA ARG B 229 -13.31 -5.17 -1.97
C ARG B 229 -13.64 -3.94 -2.80
N ILE B 230 -14.73 -3.32 -2.43
CA ILE B 230 -15.10 -2.04 -3.01
C ILE B 230 -14.75 -0.86 -2.10
N ALA B 231 -14.50 -1.11 -0.82
CA ALA B 231 -14.02 -0.11 0.14
C ALA B 231 -13.65 -0.85 1.42
N PRO B 232 -12.75 -0.28 2.22
CA PRO B 232 -12.36 -0.90 3.50
C PRO B 232 -13.17 -0.43 4.70
N GLU B 233 -14.19 0.41 4.46
CA GLU B 233 -14.90 1.16 5.49
C GLU B 233 -15.37 0.31 6.67
N LEU B 234 -16.02 -0.82 6.41
CA LEU B 234 -16.59 -1.56 7.54
C LEU B 234 -15.52 -2.18 8.43
N TYR B 235 -14.40 -2.63 7.85
CA TYR B 235 -13.30 -3.14 8.67
C TYR B 235 -12.69 -2.07 9.54
N HIS B 236 -12.50 -0.86 9.00
CA HIS B 236 -11.93 0.21 9.80
C HIS B 236 -12.83 0.51 11.00
N LYS B 237 -14.14 0.53 10.79
CA LYS B 237 -15.02 0.82 11.91
C LYS B 237 -14.96 -0.27 12.97
N MET B 238 -14.78 -1.53 12.57
CA MET B 238 -14.59 -2.57 13.56
C MET B 238 -13.31 -2.37 14.35
N LEU B 239 -12.25 -1.86 13.73
CA LEU B 239 -11.04 -1.58 14.49
C LEU B 239 -11.26 -0.45 15.49
N VAL B 240 -12.10 0.54 15.17
CA VAL B 240 -12.40 1.58 16.14
C VAL B 240 -13.23 1.03 17.30
N VAL B 241 -14.14 0.08 17.04
CA VAL B 241 -14.79 -0.64 18.13
C VAL B 241 -13.73 -1.35 18.97
N GLY B 242 -12.71 -1.89 18.31
CA GLY B 242 -11.60 -2.57 18.99
C GLY B 242 -10.70 -1.65 19.80
N GLY B 243 -10.89 -0.32 19.72
CA GLY B 243 -10.12 0.60 20.53
C GLY B 243 -8.92 1.24 19.85
N ILE B 244 -8.75 1.04 18.55
CA ILE B 244 -7.73 1.79 17.80
C ILE B 244 -8.42 3.05 17.29
N ASP B 245 -8.16 4.18 17.97
CA ASP B 245 -8.97 5.39 17.80
C ASP B 245 -8.76 6.06 16.44
N ARG B 246 -7.58 5.93 15.84
CA ARG B 246 -7.27 6.60 14.58
C ARG B 246 -6.55 5.63 13.64
N VAL B 247 -7.18 5.31 12.51
CA VAL B 247 -6.62 4.34 11.57
C VAL B 247 -6.72 4.91 10.17
N TYR B 248 -5.80 4.52 9.30
CA TYR B 248 -5.91 4.86 7.89
C TYR B 248 -5.31 3.76 7.05
N GLU B 249 -5.71 3.74 5.77
CA GLU B 249 -5.24 2.76 4.80
C GLU B 249 -5.22 3.43 3.44
N ILE B 250 -4.06 3.43 2.77
CA ILE B 250 -4.00 3.83 1.36
C ILE B 250 -3.85 2.56 0.53
N GLY B 251 -4.88 2.22 -0.23
CA GLY B 251 -4.80 0.96 -0.94
C GLY B 251 -5.79 0.87 -2.08
N ARG B 252 -5.76 -0.28 -2.74
CA ARG B 252 -6.50 -0.46 -3.97
C ARG B 252 -7.93 -0.90 -3.68
N GLN B 253 -8.86 -0.39 -4.50
CA GLN B 253 -10.24 -0.83 -4.52
C GLN B 253 -10.59 -1.26 -5.93
N PHE B 254 -11.70 -1.99 -6.07
CA PHE B 254 -12.06 -2.65 -7.32
C PHE B 254 -13.53 -2.43 -7.65
N ARG B 255 -13.80 -2.09 -8.91
CA ARG B 255 -15.16 -1.85 -9.40
C ARG B 255 -15.29 -2.53 -10.75
N ASN B 256 -16.27 -3.42 -10.88
CA ASN B 256 -16.51 -4.17 -12.12
C ASN B 256 -17.51 -3.40 -12.97
N GLU B 257 -17.03 -2.31 -13.56
CA GLU B 257 -17.90 -1.35 -14.23
C GLU B 257 -17.20 -0.85 -15.50
N GLY B 258 -17.59 0.32 -16.00
CA GLY B 258 -17.01 0.85 -17.23
C GLY B 258 -15.76 1.72 -17.00
N ILE B 259 -15.03 1.95 -18.08
CA ILE B 259 -13.81 2.76 -18.09
C ILE B 259 -14.09 4.10 -18.78
N ASP B 260 -13.70 5.21 -18.15
CA ASP B 260 -13.79 6.51 -18.83
C ASP B 260 -12.71 7.43 -18.28
N LEU B 261 -12.85 8.74 -18.57
CA LEU B 261 -11.79 9.69 -18.22
C LEU B 261 -11.49 9.71 -16.73
N THR B 262 -12.46 9.36 -15.89
CA THR B 262 -12.24 9.40 -14.45
C THR B 262 -12.45 8.07 -13.74
N HIS B 263 -12.57 6.95 -14.48
CA HIS B 263 -12.74 5.63 -13.87
C HIS B 263 -11.84 4.57 -14.51
N ASN B 264 -11.24 3.72 -13.66
CA ASN B 264 -10.45 2.53 -13.96
C ASN B 264 -10.96 1.41 -13.05
N PRO B 265 -10.93 0.14 -13.48
CA PRO B 265 -11.46 -0.94 -12.63
C PRO B 265 -10.75 -1.10 -11.30
N GLU B 266 -9.46 -0.79 -11.23
CA GLU B 266 -8.74 -0.77 -9.95
C GLU B 266 -8.22 0.64 -9.75
N PHE B 267 -8.32 1.14 -8.52
CA PHE B 267 -7.95 2.53 -8.25
C PHE B 267 -7.57 2.62 -6.78
N THR B 268 -6.94 3.73 -6.41
CA THR B 268 -6.36 3.88 -5.08
C THR B 268 -7.13 4.91 -4.29
N THR B 269 -7.43 4.59 -3.03
CA THR B 269 -8.08 5.53 -2.13
C THR B 269 -7.32 5.56 -0.81
N CYS B 270 -7.49 6.66 -0.09
CA CYS B 270 -7.11 6.74 1.31
C CYS B 270 -8.40 6.85 2.11
N GLU B 271 -8.60 5.94 3.07
CA GLU B 271 -9.69 6.09 4.03
C GLU B 271 -9.08 6.25 5.41
N PHE B 272 -9.69 7.10 6.23
CA PHE B 272 -9.28 7.17 7.62
C PHE B 272 -10.50 7.34 8.51
N TYR B 273 -10.35 6.92 9.76
CA TYR B 273 -11.44 6.93 10.74
C TYR B 273 -10.87 7.50 12.03
N MET B 274 -11.62 8.40 12.65
CA MET B 274 -11.09 9.18 13.76
C MET B 274 -12.14 9.21 14.86
N ALA B 275 -11.87 8.54 15.98
CA ALA B 275 -12.79 8.52 17.10
C ALA B 275 -12.92 9.90 17.73
N TYR B 276 -14.13 10.22 18.21
CA TYR B 276 -14.51 11.47 18.87
C TYR B 276 -14.45 12.71 17.96
N ALA B 277 -14.35 12.51 16.65
CA ALA B 277 -14.52 13.53 15.62
C ALA B 277 -15.92 13.44 14.99
N ASP B 278 -16.43 14.57 14.50
CA ASP B 278 -17.64 14.58 13.68
C ASP B 278 -17.27 15.19 12.32
N TYR B 279 -18.26 15.33 11.43
CA TYR B 279 -17.89 15.77 10.08
C TYR B 279 -17.47 17.23 10.03
N HIS B 280 -17.84 18.06 11.02
CA HIS B 280 -17.26 19.41 11.08
C HIS B 280 -15.76 19.36 11.30
N ASP B 281 -15.30 18.48 12.20
CA ASP B 281 -13.88 18.30 12.39
C ASP B 281 -13.21 17.86 11.11
N LEU B 282 -13.85 16.94 10.38
CA LEU B 282 -13.22 16.43 9.17
C LEU B 282 -13.16 17.48 8.05
N MET B 283 -14.10 18.42 7.99
CA MET B 283 -13.95 19.48 6.99
C MET B 283 -12.71 20.31 7.26
N GLU B 284 -12.45 20.64 8.52
CA GLU B 284 -11.26 21.42 8.82
C GLU B 284 -10.00 20.64 8.52
N ILE B 285 -9.99 19.35 8.85
CA ILE B 285 -8.81 18.55 8.58
C ILE B 285 -8.58 18.41 7.08
N THR B 286 -9.67 18.22 6.33
CA THR B 286 -9.59 18.14 4.85
C THR B 286 -9.03 19.41 4.25
N GLU B 287 -9.54 20.56 4.70
CA GLU B 287 -9.02 21.83 4.20
C GLU B 287 -7.53 21.96 4.46
N LYS B 288 -7.10 21.58 5.68
CA LYS B 288 -5.68 21.69 6.02
C LYS B 288 -4.84 20.71 5.21
N MET B 289 -5.32 19.46 5.09
CA MET B 289 -4.57 18.46 4.34
C MET B 289 -4.48 18.82 2.86
N VAL B 290 -5.60 19.17 2.23
CA VAL B 290 -5.60 19.36 0.78
C VAL B 290 -4.87 20.64 0.41
N SER B 291 -5.15 21.73 1.12
CA SER B 291 -4.43 22.97 0.79
C SER B 291 -2.93 22.81 1.08
N GLY B 292 -2.57 22.14 2.18
CA GLY B 292 -1.16 21.96 2.48
C GLY B 292 -0.46 21.08 1.46
N MET B 293 -1.16 20.05 0.98
CA MET B 293 -0.60 19.16 -0.04
C MET B 293 -0.34 19.91 -1.35
N VAL B 294 -1.31 20.71 -1.79
CA VAL B 294 -1.14 21.47 -3.04
C VAL B 294 0.03 22.43 -2.91
N LYS B 295 0.12 23.12 -1.78
CA LYS B 295 1.19 24.11 -1.61
C LYS B 295 2.55 23.44 -1.51
N HIS B 296 2.61 22.30 -0.82
CA HIS B 296 3.89 21.64 -0.65
C HIS B 296 4.40 21.08 -1.98
N ILE B 297 3.50 20.57 -2.81
CA ILE B 297 3.91 19.94 -4.04
C ILE B 297 4.09 20.96 -5.17
N THR B 298 3.24 21.99 -5.25
CA THR B 298 3.32 22.96 -6.35
C THR B 298 3.92 24.30 -5.96
N GLY B 299 4.11 24.59 -4.68
CA GLY B 299 4.62 25.87 -4.23
C GLY B 299 3.59 26.97 -4.03
N SER B 300 2.32 26.73 -4.34
CA SER B 300 1.31 27.74 -4.09
C SER B 300 -0.05 27.06 -3.95
N TYR B 301 -1.05 27.83 -3.53
CA TYR B 301 -2.40 27.30 -3.41
C TYR B 301 -3.14 27.27 -4.74
N LYS B 302 -2.61 27.90 -5.77
CA LYS B 302 -3.30 28.05 -7.05
C LYS B 302 -2.66 27.13 -8.07
N VAL B 303 -3.47 26.32 -8.75
CA VAL B 303 -2.98 25.36 -9.72
C VAL B 303 -3.71 25.56 -11.04
N THR B 304 -2.96 25.59 -12.13
CA THR B 304 -3.56 25.74 -13.43
C THR B 304 -4.09 24.39 -13.90
N TYR B 305 -5.30 24.40 -14.46
CA TYR B 305 -5.91 23.18 -14.93
C TYR B 305 -6.63 23.43 -16.25
N HIS B 306 -6.49 22.47 -17.18
CA HIS B 306 -7.17 22.54 -18.47
C HIS B 306 -8.27 21.49 -18.45
N PRO B 307 -9.51 21.85 -18.13
CA PRO B 307 -10.57 20.82 -18.03
C PRO B 307 -10.80 20.07 -19.34
N ASP B 308 -10.60 20.71 -20.48
CA ASP B 308 -10.81 20.12 -21.80
C ASP B 308 -9.52 19.76 -22.50
N GLY B 309 -8.40 19.71 -21.78
CA GLY B 309 -7.12 19.44 -22.37
C GLY B 309 -6.45 20.68 -22.92
N PRO B 310 -5.24 20.51 -23.44
CA PRO B 310 -4.46 21.66 -23.95
C PRO B 310 -5.12 22.39 -25.09
N GLU B 311 -5.98 21.73 -25.87
CA GLU B 311 -6.68 22.42 -26.96
C GLU B 311 -7.62 23.50 -26.45
N GLY B 312 -8.04 23.43 -25.18
CA GLY B 312 -8.99 24.37 -24.63
C GLY B 312 -8.35 25.39 -23.69
N GLN B 313 -9.23 26.11 -23.00
CA GLN B 313 -8.86 27.16 -22.06
C GLN B 313 -8.39 26.56 -20.74
N ALA B 314 -7.50 27.27 -20.05
CA ALA B 314 -7.07 26.90 -18.71
C ALA B 314 -7.70 27.82 -17.67
N TYR B 315 -7.74 27.32 -16.44
CA TYR B 315 -8.26 28.03 -15.29
C TYR B 315 -7.35 27.79 -14.11
N ASP B 316 -7.11 28.83 -13.31
CA ASP B 316 -6.43 28.62 -12.05
C ASP B 316 -7.45 28.15 -11.01
N VAL B 317 -7.21 26.98 -10.43
CA VAL B 317 -8.03 26.44 -9.36
C VAL B 317 -7.41 26.87 -8.03
N ASP B 318 -8.19 27.52 -7.17
CA ASP B 318 -7.69 28.16 -5.95
C ASP B 318 -7.98 27.28 -4.74
N PHE B 319 -6.92 26.74 -4.14
CA PHE B 319 -7.07 25.86 -2.98
C PHE B 319 -6.86 26.59 -1.65
N THR B 320 -6.89 27.92 -1.65
CA THR B 320 -6.74 28.67 -0.40
C THR B 320 -7.90 28.36 0.53
N PRO B 321 -7.66 27.87 1.74
CA PRO B 321 -8.76 27.60 2.66
C PRO B 321 -9.33 28.89 3.22
N PRO B 322 -10.56 28.89 3.75
CA PRO B 322 -11.60 27.85 3.78
C PRO B 322 -12.24 27.59 2.42
N PHE B 323 -12.69 26.35 2.18
CA PHE B 323 -13.40 26.01 0.96
C PHE B 323 -14.85 26.43 1.04
N ARG B 324 -15.44 26.76 -0.11
CA ARG B 324 -16.87 27.06 -0.14
C ARG B 324 -17.66 25.84 0.30
N ARG B 325 -18.74 26.07 1.05
CA ARG B 325 -19.70 25.03 1.41
C ARG B 325 -21.08 25.35 0.84
N ILE B 326 -21.79 24.31 0.40
CA ILE B 326 -23.19 24.45 0.03
C ILE B 326 -23.92 23.25 0.58
N ASN B 327 -25.19 23.45 0.92
CA ASN B 327 -26.03 22.38 1.45
C ASN B 327 -26.85 21.82 0.31
N MET B 328 -26.88 20.50 0.19
CA MET B 328 -27.35 19.90 -1.05
C MET B 328 -28.80 20.30 -1.32
N VAL B 329 -29.68 20.16 -0.32
CA VAL B 329 -31.10 20.37 -0.61
C VAL B 329 -31.40 21.85 -0.82
N GLU B 330 -30.86 22.72 0.04
CA GLU B 330 -31.10 24.16 -0.12
C GLU B 330 -30.52 24.68 -1.41
N GLU B 331 -29.31 24.26 -1.77
CA GLU B 331 -28.71 24.75 -2.99
C GLU B 331 -29.43 24.22 -4.23
N LEU B 332 -29.95 22.99 -4.15
CA LEU B 332 -30.72 22.46 -5.27
C LEU B 332 -32.01 23.25 -5.48
N GLU B 333 -32.64 23.71 -4.38
CA GLU B 333 -33.84 24.52 -4.52
C GLU B 333 -33.54 25.83 -5.26
N LYS B 334 -32.38 26.42 -4.98
CA LYS B 334 -31.97 27.62 -5.68
C LYS B 334 -31.72 27.33 -7.15
N ALA B 335 -30.96 26.28 -7.44
CA ALA B 335 -30.61 25.99 -8.82
C ALA B 335 -31.84 25.65 -9.64
N LEU B 336 -32.85 25.01 -9.03
CA LEU B 336 -34.08 24.68 -9.73
C LEU B 336 -35.10 25.82 -9.74
N GLY B 337 -34.92 26.82 -8.89
CA GLY B 337 -35.92 27.86 -8.79
C GLY B 337 -37.24 27.41 -8.19
N MET B 338 -37.23 26.37 -7.36
CA MET B 338 -38.49 25.88 -6.81
C MET B 338 -38.26 25.25 -5.44
N LYS B 339 -39.28 25.35 -4.59
CA LYS B 339 -39.27 24.66 -3.31
C LYS B 339 -39.33 23.15 -3.53
N LEU B 340 -38.50 22.43 -2.80
CA LEU B 340 -38.56 20.98 -2.72
C LEU B 340 -39.32 20.57 -1.47
N PRO B 341 -39.69 19.30 -1.34
CA PRO B 341 -40.40 18.87 -0.13
C PRO B 341 -39.54 19.04 1.11
N GLU B 342 -40.21 19.19 2.26
CA GLU B 342 -39.51 19.19 3.54
C GLU B 342 -38.68 17.92 3.68
N THR B 343 -37.50 18.05 4.29
CA THR B 343 -36.54 16.94 4.27
C THR B 343 -37.01 15.73 5.06
N ASN B 344 -37.94 15.90 6.00
CA ASN B 344 -38.50 14.75 6.70
C ASN B 344 -39.52 13.99 5.84
N LEU B 345 -39.78 14.45 4.62
CA LEU B 345 -40.64 13.72 3.68
C LEU B 345 -39.86 13.00 2.58
N PHE B 346 -38.54 12.93 2.70
CA PHE B 346 -37.77 12.41 1.57
C PHE B 346 -37.91 10.90 1.38
N GLU B 347 -38.50 10.17 2.32
CA GLU B 347 -38.71 8.74 2.15
C GLU B 347 -40.04 8.38 1.47
N THR B 348 -40.91 9.34 1.19
CA THR B 348 -42.26 9.06 0.68
C THR B 348 -42.30 8.90 -0.83
N GLU B 349 -43.28 8.14 -1.31
CA GLU B 349 -43.50 8.05 -2.75
C GLU B 349 -43.91 9.41 -3.32
N GLU B 350 -44.59 10.25 -2.55
CA GLU B 350 -44.94 11.57 -3.03
C GLU B 350 -43.68 12.36 -3.40
N THR B 351 -42.62 12.26 -2.58
CA THR B 351 -41.39 12.97 -2.91
C THR B 351 -40.69 12.34 -4.12
N ARG B 352 -40.69 11.01 -4.22
CA ARG B 352 -40.08 10.38 -5.39
C ARG B 352 -40.76 10.87 -6.67
N LYS B 353 -42.08 10.89 -6.68
CA LYS B 353 -42.80 11.32 -7.88
C LYS B 353 -42.50 12.78 -8.22
N ILE B 354 -42.37 13.63 -7.19
CA ILE B 354 -42.02 15.04 -7.44
C ILE B 354 -40.64 15.15 -8.09
N LEU B 355 -39.66 14.38 -7.59
CA LEU B 355 -38.33 14.38 -8.19
C LEU B 355 -38.35 13.78 -9.58
N ASP B 356 -39.19 12.78 -9.79
CA ASP B 356 -39.31 12.18 -11.11
C ASP B 356 -39.87 13.19 -12.11
N ASP B 357 -40.89 13.95 -11.69
CA ASP B 357 -41.47 14.98 -12.55
C ASP B 357 -40.45 16.06 -12.87
N ILE B 358 -39.64 16.45 -11.87
CA ILE B 358 -38.65 17.50 -12.10
C ILE B 358 -37.61 17.04 -13.10
N CYS B 359 -37.16 15.78 -12.99
CA CYS B 359 -36.16 15.30 -13.94
C CYS B 359 -36.72 15.28 -15.35
N VAL B 360 -38.01 14.98 -15.51
CA VAL B 360 -38.63 15.00 -16.82
C VAL B 360 -38.73 16.43 -17.34
N ALA B 361 -39.17 17.35 -16.48
CA ALA B 361 -39.33 18.74 -16.87
C ALA B 361 -38.01 19.39 -17.25
N LYS B 362 -36.92 19.02 -16.59
CA LYS B 362 -35.62 19.59 -16.84
C LYS B 362 -34.78 18.77 -17.81
N ALA B 363 -35.35 17.71 -18.38
CA ALA B 363 -34.60 16.83 -19.28
C ALA B 363 -33.32 16.32 -18.62
N VAL B 364 -33.40 15.99 -17.34
CA VAL B 364 -32.33 15.27 -16.67
C VAL B 364 -32.65 13.79 -16.78
N GLU B 365 -31.77 13.04 -17.42
CA GLU B 365 -32.06 11.64 -17.67
C GLU B 365 -31.74 10.80 -16.43
N CYS B 366 -32.61 9.82 -16.15
CA CYS B 366 -32.32 8.85 -15.11
C CYS B 366 -32.81 7.48 -15.57
N PRO B 367 -31.89 6.58 -15.92
CA PRO B 367 -32.27 5.24 -16.32
C PRO B 367 -32.89 4.48 -15.16
N PRO B 368 -33.73 3.50 -15.45
CA PRO B 368 -34.32 2.70 -14.39
C PRO B 368 -33.26 1.96 -13.62
N PRO B 369 -33.45 1.76 -12.30
CA PRO B 369 -34.66 2.14 -11.54
C PRO B 369 -34.68 3.63 -11.17
N ARG B 370 -35.84 4.27 -11.28
CA ARG B 370 -35.98 5.68 -10.93
C ARG B 370 -36.33 5.83 -9.44
N THR B 371 -35.35 5.47 -8.62
CA THR B 371 -35.47 5.58 -7.18
C THR B 371 -35.18 7.01 -6.74
N THR B 372 -35.63 7.35 -5.53
CA THR B 372 -35.36 8.69 -5.03
C THR B 372 -33.86 8.98 -4.96
N ALA B 373 -33.07 7.99 -4.54
CA ALA B 373 -31.62 8.20 -4.44
C ALA B 373 -31.00 8.45 -5.80
N ARG B 374 -31.47 7.73 -6.83
CA ARG B 374 -30.88 7.91 -8.16
C ARG B 374 -31.35 9.21 -8.82
N LEU B 375 -32.63 9.57 -8.66
CA LEU B 375 -33.10 10.85 -9.20
C LEU B 375 -32.40 12.03 -8.54
N LEU B 376 -32.19 11.95 -7.22
CA LEU B 376 -31.47 13.00 -6.52
C LEU B 376 -30.03 13.09 -7.00
N ASP B 377 -29.39 11.95 -7.21
CA ASP B 377 -28.02 11.95 -7.69
C ASP B 377 -27.92 12.63 -9.05
N LYS B 378 -28.87 12.33 -9.94
CA LYS B 378 -28.83 12.93 -11.27
C LYS B 378 -29.06 14.44 -11.21
N LEU B 379 -30.01 14.88 -10.36
CA LEU B 379 -30.25 16.31 -10.22
C LEU B 379 -29.02 17.03 -9.66
N VAL B 380 -28.38 16.44 -8.65
CA VAL B 380 -27.20 17.06 -8.04
C VAL B 380 -26.06 17.14 -9.04
N GLY B 381 -25.86 16.11 -9.85
CA GLY B 381 -24.82 16.18 -10.86
C GLY B 381 -25.08 17.27 -11.88
N GLU B 382 -26.34 17.43 -12.28
CA GLU B 382 -26.68 18.41 -13.31
C GLU B 382 -26.60 19.84 -12.78
N PHE B 383 -27.06 20.09 -11.56
CA PHE B 383 -27.25 21.45 -11.09
C PHE B 383 -26.27 21.93 -10.03
N LEU B 384 -25.62 21.04 -9.28
CA LEU B 384 -24.72 21.46 -8.21
C LEU B 384 -23.27 21.18 -8.54
N GLU B 385 -22.96 19.96 -8.98
CA GLU B 385 -21.57 19.59 -9.16
C GLU B 385 -20.90 20.44 -10.23
N VAL B 386 -21.65 20.88 -11.24
CA VAL B 386 -21.06 21.66 -12.31
C VAL B 386 -20.62 23.05 -11.84
N THR B 387 -21.15 23.54 -10.71
CA THR B 387 -20.70 24.82 -10.15
C THR B 387 -19.46 24.69 -9.26
N CYS B 388 -18.97 23.47 -9.01
CA CYS B 388 -17.86 23.25 -8.07
C CYS B 388 -16.55 23.24 -8.84
N ILE B 389 -16.02 24.44 -9.09
CA ILE B 389 -14.78 24.60 -9.84
C ILE B 389 -13.61 24.60 -8.85
N ASN B 390 -13.56 25.64 -8.01
CA ASN B 390 -12.67 25.62 -6.85
C ASN B 390 -13.16 24.54 -5.88
N PRO B 391 -12.29 24.05 -4.99
CA PRO B 391 -12.75 23.02 -4.03
C PRO B 391 -13.97 23.49 -3.27
N THR B 392 -14.99 22.63 -3.23
CA THR B 392 -16.31 22.99 -2.72
C THR B 392 -16.84 21.79 -1.96
N PHE B 393 -17.28 22.02 -0.73
CA PHE B 393 -17.96 20.98 0.06
C PHE B 393 -19.46 21.03 -0.28
N ILE B 394 -20.01 19.92 -0.73
CA ILE B 394 -21.45 19.70 -0.81
C ILE B 394 -21.86 18.92 0.44
N CYS B 395 -22.78 19.46 1.23
CA CYS B 395 -23.03 18.91 2.57
C CYS B 395 -24.48 18.47 2.77
N ASP B 396 -24.67 17.66 3.82
CA ASP B 396 -25.97 17.34 4.43
C ASP B 396 -26.88 16.54 3.48
N HIS B 397 -26.30 15.53 2.88
CA HIS B 397 -27.05 14.65 1.97
C HIS B 397 -28.22 13.98 2.70
N PRO B 398 -29.32 13.76 2.00
CA PRO B 398 -30.40 12.96 2.59
C PRO B 398 -29.95 11.56 2.99
N GLN B 399 -30.57 11.05 4.06
CA GLN B 399 -30.31 9.70 4.53
C GLN B 399 -30.55 8.66 3.44
N ILE B 400 -31.53 8.93 2.58
CA ILE B 400 -31.91 7.93 1.59
C ILE B 400 -30.77 7.67 0.61
N MET B 401 -29.78 8.56 0.52
CA MET B 401 -28.63 8.26 -0.32
C MET B 401 -27.36 7.94 0.48
N SER B 402 -27.43 7.86 1.81
CA SER B 402 -26.26 7.72 2.69
C SER B 402 -26.55 6.69 3.78
N PRO B 403 -26.59 5.40 3.44
CA PRO B 403 -27.06 4.41 4.43
C PRO B 403 -26.07 4.11 5.58
N LEU B 404 -24.82 4.56 5.50
CA LEU B 404 -23.86 4.35 6.58
C LEU B 404 -23.56 5.64 7.36
N ALA B 405 -24.17 6.77 6.99
CA ALA B 405 -23.89 8.06 7.61
C ALA B 405 -24.87 8.33 8.75
N LYS B 406 -24.40 8.99 9.78
CA LYS B 406 -25.26 9.28 10.94
C LYS B 406 -26.26 10.37 10.60
N TRP B 407 -27.48 10.26 11.17
CA TRP B 407 -28.53 11.24 10.94
C TRP B 407 -28.05 12.61 11.41
N HIS B 408 -28.50 13.64 10.69
CA HIS B 408 -28.11 15.00 11.05
C HIS B 408 -28.71 15.41 12.38
N ARG B 409 -27.90 16.03 13.26
CA ARG B 409 -28.35 16.26 14.62
C ARG B 409 -29.47 17.31 14.69
N SER B 410 -29.70 18.08 13.63
CA SER B 410 -30.78 19.04 13.66
C SER B 410 -31.67 19.09 12.42
N LYS B 411 -31.33 18.41 11.32
CA LYS B 411 -32.12 18.48 10.09
C LYS B 411 -32.72 17.10 9.83
N GLU B 412 -34.00 16.93 10.11
CA GLU B 412 -34.63 15.61 10.03
C GLU B 412 -34.64 15.10 8.58
N GLY B 413 -34.21 13.84 8.39
CA GLY B 413 -34.10 13.25 7.06
C GLY B 413 -32.77 13.46 6.35
N LEU B 414 -31.90 14.33 6.85
CA LEU B 414 -30.56 14.53 6.29
C LEU B 414 -29.53 13.79 7.15
N THR B 415 -28.27 13.79 6.69
CA THR B 415 -27.14 13.15 7.39
C THR B 415 -25.97 14.13 7.52
N GLU B 416 -25.04 13.80 8.42
CA GLU B 416 -23.82 14.58 8.60
C GLU B 416 -22.77 14.08 7.62
N ARG B 417 -22.93 14.47 6.36
CA ARG B 417 -22.07 14.02 5.28
C ARG B 417 -21.55 15.19 4.48
N PHE B 418 -20.35 15.07 3.91
CA PHE B 418 -19.93 16.01 2.86
C PHE B 418 -19.20 15.25 1.77
N GLU B 419 -19.22 15.82 0.57
CA GLU B 419 -18.33 15.41 -0.50
C GLU B 419 -17.54 16.64 -0.90
N LEU B 420 -16.26 16.43 -1.23
CA LEU B 420 -15.41 17.52 -1.74
C LEU B 420 -15.32 17.35 -3.26
N PHE B 421 -15.72 18.40 -3.98
CA PHE B 421 -15.63 18.46 -5.43
C PHE B 421 -14.56 19.48 -5.82
N VAL B 422 -13.79 19.14 -6.85
CA VAL B 422 -12.85 20.05 -7.50
C VAL B 422 -13.05 19.91 -9.00
N MET B 423 -13.18 21.04 -9.72
CA MET B 423 -13.37 21.03 -11.17
C MET B 423 -14.46 20.03 -11.58
N LYS B 424 -15.57 20.06 -10.86
CA LYS B 424 -16.80 19.30 -11.12
C LYS B 424 -16.68 17.80 -10.82
N LYS B 425 -15.62 17.36 -10.13
CA LYS B 425 -15.39 15.95 -9.86
C LYS B 425 -15.23 15.68 -8.38
N GLU B 426 -15.79 14.58 -7.90
CA GLU B 426 -15.67 14.24 -6.48
C GLU B 426 -14.26 13.73 -6.16
N ILE B 427 -13.66 14.29 -5.11
CA ILE B 427 -12.37 13.80 -4.67
C ILE B 427 -12.41 13.24 -3.25
N CYS B 428 -13.37 13.64 -2.40
CA CYS B 428 -13.50 13.10 -1.04
C CYS B 428 -14.98 12.86 -0.73
N ASN B 429 -15.21 11.93 0.17
CA ASN B 429 -16.54 11.63 0.71
C ASN B 429 -16.34 11.34 2.19
N ALA B 430 -17.18 11.89 3.06
CA ALA B 430 -16.91 11.74 4.49
C ALA B 430 -18.20 11.92 5.27
N TYR B 431 -18.24 11.35 6.49
CA TYR B 431 -19.40 11.63 7.33
C TYR B 431 -19.12 11.31 8.79
N THR B 432 -19.95 11.90 9.66
CA THR B 432 -20.11 11.34 10.99
C THR B 432 -20.68 9.92 10.84
N GLU B 433 -20.01 8.93 11.44
CA GLU B 433 -20.35 7.54 11.19
C GLU B 433 -21.62 7.12 11.92
N LEU B 434 -22.51 6.39 11.24
CA LEU B 434 -23.67 5.88 11.97
C LEU B 434 -23.18 4.82 12.96
N ASN B 435 -23.44 5.03 14.25
CA ASN B 435 -22.94 4.10 15.24
C ASN B 435 -24.06 3.53 16.12
N ASP B 436 -25.32 3.77 15.74
CA ASP B 436 -26.44 3.16 16.45
C ASP B 436 -26.73 1.85 15.73
N PRO B 437 -26.47 0.69 16.34
CA PRO B 437 -26.62 -0.57 15.60
C PRO B 437 -28.06 -0.88 15.17
N MET B 438 -29.07 -0.48 15.96
CA MET B 438 -30.45 -0.73 15.58
C MET B 438 -30.81 0.06 14.32
N ARG B 439 -30.43 1.32 14.30
CA ARG B 439 -30.70 2.14 13.12
C ARG B 439 -29.88 1.67 11.92
N GLN B 440 -28.62 1.27 12.15
CA GLN B 440 -27.83 0.76 11.03
C GLN B 440 -28.44 -0.51 10.46
N ARG B 441 -28.88 -1.42 11.33
CA ARG B 441 -29.48 -2.67 10.84
C ARG B 441 -30.77 -2.38 10.09
N GLN B 442 -31.54 -1.38 10.54
CA GLN B 442 -32.79 -1.01 9.86
C GLN B 442 -32.50 -0.49 8.44
N LEU B 443 -31.45 0.32 8.29
CA LEU B 443 -31.07 0.81 6.97
C LEU B 443 -30.56 -0.30 6.07
N PHE B 444 -29.80 -1.28 6.62
CA PHE B 444 -29.39 -2.43 5.82
C PHE B 444 -30.58 -3.29 5.43
N GLU B 445 -31.59 -3.43 6.30
CA GLU B 445 -32.75 -4.23 5.89
C GLU B 445 -33.49 -3.57 4.74
N GLU B 446 -33.57 -2.25 4.74
CA GLU B 446 -34.18 -1.55 3.59
C GLU B 446 -33.36 -1.75 2.33
N GLN B 447 -32.02 -1.72 2.44
CA GLN B 447 -31.16 -2.00 1.28
C GLN B 447 -31.41 -3.40 0.74
N ALA B 448 -31.48 -4.40 1.63
CA ALA B 448 -31.68 -5.78 1.19
C ALA B 448 -33.06 -5.98 0.56
N LYS B 449 -34.08 -5.31 1.08
CA LYS B 449 -35.40 -5.41 0.44
C LYS B 449 -35.36 -4.84 -0.97
N ALA B 450 -34.64 -3.72 -1.16
CA ALA B 450 -34.54 -3.14 -2.49
C ALA B 450 -33.73 -4.03 -3.41
N LYS B 451 -32.67 -4.65 -2.88
CA LYS B 451 -31.85 -5.54 -3.69
C LYS B 451 -32.66 -6.75 -4.17
N ALA B 452 -33.46 -7.34 -3.28
CA ALA B 452 -34.27 -8.47 -3.70
C ALA B 452 -35.34 -8.04 -4.71
N ALA B 453 -35.83 -6.79 -4.61
CA ALA B 453 -36.85 -6.33 -5.55
C ALA B 453 -36.31 -6.05 -6.96
N GLY B 454 -35.00 -5.85 -7.11
CA GLY B 454 -34.39 -5.65 -8.41
C GLY B 454 -33.38 -4.52 -8.50
N ASP B 455 -33.15 -3.78 -7.41
CA ASP B 455 -32.24 -2.64 -7.42
C ASP B 455 -30.81 -3.15 -7.19
N ASP B 456 -30.04 -3.27 -8.28
CA ASP B 456 -28.69 -3.81 -8.19
C ASP B 456 -27.75 -2.91 -7.41
N GLU B 457 -28.05 -1.63 -7.29
CA GLU B 457 -27.17 -0.73 -6.57
C GLU B 457 -27.28 -0.86 -5.06
N ALA B 458 -28.30 -1.55 -4.57
CA ALA B 458 -28.48 -1.67 -3.13
C ALA B 458 -27.33 -2.49 -2.52
N MET B 459 -27.00 -2.13 -1.27
CA MET B 459 -25.97 -2.84 -0.53
C MET B 459 -26.47 -4.20 -0.02
N PHE B 460 -25.51 -5.13 0.13
CA PHE B 460 -25.71 -6.34 0.90
C PHE B 460 -25.77 -6.04 2.39
N ILE B 461 -26.64 -6.73 3.12
CA ILE B 461 -26.58 -6.60 4.57
C ILE B 461 -25.36 -7.35 5.11
N ASP B 462 -24.70 -6.75 6.10
CA ASP B 462 -23.50 -7.32 6.71
C ASP B 462 -23.80 -7.54 8.19
N GLU B 463 -24.13 -8.78 8.54
CA GLU B 463 -24.51 -9.11 9.91
C GLU B 463 -23.33 -9.03 10.87
N ASN B 464 -22.14 -9.43 10.42
CA ASN B 464 -20.99 -9.35 11.32
C ASN B 464 -20.68 -7.91 11.65
N PHE B 465 -20.88 -7.01 10.69
CA PHE B 465 -20.60 -5.60 10.97
C PHE B 465 -21.64 -5.05 11.95
N CYS B 466 -22.92 -5.40 11.76
CA CYS B 466 -23.93 -4.93 12.69
C CYS B 466 -23.69 -5.48 14.10
N THR B 467 -23.22 -6.74 14.20
CA THR B 467 -22.89 -7.27 15.51
C THR B 467 -21.76 -6.51 16.16
N ALA B 468 -20.74 -6.13 15.37
CA ALA B 468 -19.66 -5.34 15.93
C ALA B 468 -20.18 -4.03 16.50
N LEU B 469 -21.12 -3.38 15.79
CA LEU B 469 -21.68 -2.12 16.31
C LEU B 469 -22.41 -2.33 17.63
N GLU B 470 -22.91 -3.54 17.89
CA GLU B 470 -23.61 -3.79 19.14
C GLU B 470 -22.67 -3.81 20.34
N TYR B 471 -21.37 -3.93 20.12
CA TYR B 471 -20.41 -3.81 21.22
C TYR B 471 -20.04 -2.37 21.53
N GLY B 472 -20.48 -1.40 20.71
CA GLY B 472 -20.25 -0.01 21.02
C GLY B 472 -19.13 0.58 20.17
N LEU B 473 -19.52 1.26 19.09
CA LEU B 473 -18.60 2.09 18.31
C LEU B 473 -18.66 3.52 18.87
N PRO B 474 -17.57 4.06 19.38
CA PRO B 474 -17.60 5.43 19.88
C PRO B 474 -18.03 6.39 18.78
N PRO B 475 -18.56 7.55 19.14
CA PRO B 475 -18.80 8.56 18.11
C PRO B 475 -17.51 8.78 17.33
N THR B 476 -17.61 8.80 16.01
CA THR B 476 -16.47 8.64 15.10
C THR B 476 -16.81 9.35 13.79
N ALA B 477 -15.80 9.85 13.08
CA ALA B 477 -16.01 10.35 11.74
C ALA B 477 -14.99 9.72 10.81
N GLY B 478 -15.42 9.39 9.59
CA GLY B 478 -14.55 8.76 8.62
C GLY B 478 -14.59 9.48 7.29
N TRP B 479 -13.65 9.08 6.41
CA TRP B 479 -13.29 9.94 5.29
C TRP B 479 -12.63 9.07 4.25
N GLY B 480 -12.89 9.34 2.97
CA GLY B 480 -12.19 8.68 1.89
C GLY B 480 -11.82 9.68 0.81
N MET B 481 -10.68 9.44 0.16
CA MET B 481 -10.22 10.31 -0.91
C MET B 481 -9.78 9.47 -2.11
N GLY B 482 -10.16 9.89 -3.31
CA GLY B 482 -9.72 9.19 -4.51
C GLY B 482 -8.38 9.74 -4.95
N ILE B 483 -7.33 8.96 -4.71
CA ILE B 483 -5.96 9.44 -4.90
C ILE B 483 -5.68 9.71 -6.37
N ASP B 484 -6.21 8.86 -7.26
CA ASP B 484 -5.96 9.05 -8.69
C ASP B 484 -6.55 10.38 -9.16
N ARG B 485 -7.74 10.72 -8.68
CA ARG B 485 -8.32 11.98 -9.13
C ARG B 485 -7.55 13.17 -8.59
N VAL B 486 -7.03 13.06 -7.35
CA VAL B 486 -6.17 14.13 -6.85
C VAL B 486 -4.91 14.24 -7.70
N ALA B 487 -4.30 13.09 -8.05
CA ALA B 487 -3.11 13.17 -8.90
C ALA B 487 -3.45 13.78 -10.25
N MET B 488 -4.67 13.59 -10.75
CA MET B 488 -5.04 14.20 -12.02
C MET B 488 -5.02 15.72 -11.94
N PHE B 489 -5.59 16.30 -10.86
CA PHE B 489 -5.64 17.75 -10.74
C PHE B 489 -4.27 18.36 -10.47
N LEU B 490 -3.40 17.65 -9.77
CA LEU B 490 -2.06 18.14 -9.50
C LEU B 490 -1.07 17.87 -10.64
N THR B 491 -1.45 17.14 -11.68
CA THR B 491 -0.58 16.94 -12.85
C THR B 491 -1.15 17.57 -14.12
N ASP B 492 -2.25 18.30 -14.01
CA ASP B 492 -2.98 18.85 -15.15
C ASP B 492 -3.29 17.76 -16.17
N SER B 493 -3.90 16.68 -15.67
CA SER B 493 -4.37 15.58 -16.50
C SER B 493 -5.88 15.55 -16.44
N ASN B 494 -6.54 15.41 -17.60
CA ASN B 494 -7.98 15.24 -17.57
C ASN B 494 -8.38 13.82 -17.91
N ASN B 495 -7.42 12.91 -18.01
CA ASN B 495 -7.65 11.49 -18.29
C ASN B 495 -6.91 10.68 -17.23
N ILE B 496 -7.61 9.76 -16.56
CA ILE B 496 -7.02 9.02 -15.45
C ILE B 496 -5.87 8.14 -15.92
N LYS B 497 -5.87 7.76 -17.21
CA LYS B 497 -4.79 6.95 -17.76
C LYS B 497 -3.43 7.62 -17.65
N GLU B 498 -3.40 8.96 -17.57
CA GLU B 498 -2.15 9.69 -17.38
C GLU B 498 -1.51 9.47 -16.01
N VAL B 499 -2.27 9.08 -14.99
CA VAL B 499 -1.70 8.95 -13.63
C VAL B 499 -1.70 7.51 -13.15
N LEU B 500 -1.94 6.55 -14.04
CA LEU B 500 -1.82 5.14 -13.76
C LEU B 500 -0.68 4.60 -14.62
N LEU B 501 0.29 3.92 -13.99
CA LEU B 501 1.43 3.49 -14.79
C LEU B 501 1.00 2.54 -15.91
N PHE B 502 0.10 1.61 -15.60
CA PHE B 502 -0.38 0.64 -16.59
C PHE B 502 -1.90 0.60 -16.55
N PRO B 503 -2.56 1.57 -17.19
CA PRO B 503 -4.04 1.59 -17.17
C PRO B 503 -4.66 0.40 -17.88
N ALA B 504 -5.84 0.00 -17.41
CA ALA B 504 -6.58 -1.06 -18.06
C ALA B 504 -6.97 -0.62 -19.48
N MET B 505 -6.73 -1.51 -20.43
CA MET B 505 -6.98 -1.22 -21.85
C MET B 505 -7.81 -2.33 -22.45
N LYS B 506 -8.73 -1.96 -23.36
CA LYS B 506 -9.38 -2.96 -24.19
C LYS B 506 -8.31 -3.67 -25.02
N PRO B 507 -8.30 -5.02 -25.05
CA PRO B 507 -7.22 -5.76 -25.72
C PRO B 507 -7.46 -5.94 -27.22
N PRO C 2 -10.10 22.19 17.16
CA PRO C 2 -9.02 21.26 16.82
C PRO C 2 -9.08 19.98 17.67
N MET C 3 -8.90 18.83 17.02
CA MET C 3 -9.00 17.56 17.72
C MET C 3 -7.83 17.39 18.69
N TYR C 4 -8.10 16.64 19.77
CA TYR C 4 -7.11 16.46 20.83
C TYR C 4 -5.86 15.75 20.32
N GLN C 5 -4.73 16.07 20.95
CA GLN C 5 -3.43 15.57 20.53
C GLN C 5 -3.26 14.08 20.84
N VAL C 6 -2.75 13.35 19.85
CA VAL C 6 -2.36 11.98 20.03
C VAL C 6 -0.93 11.85 19.50
N LYS C 7 -0.02 11.34 20.31
CA LYS C 7 1.37 11.23 19.86
C LYS C 7 1.49 10.24 18.71
N PRO C 8 2.40 10.49 17.77
CA PRO C 8 2.60 9.55 16.67
C PRO C 8 3.08 8.20 17.18
N TYR C 9 2.71 7.13 16.47
CA TYR C 9 3.19 5.82 16.87
C TYR C 9 4.72 5.69 16.73
N HIS C 10 5.37 6.51 15.93
CA HIS C 10 6.84 6.48 15.94
C HIS C 10 7.44 7.00 17.26
N GLY C 11 6.63 7.43 18.23
CA GLY C 11 7.12 7.83 19.52
C GLY C 11 7.03 9.32 19.73
N GLY C 12 7.29 10.08 18.67
CA GLY C 12 7.23 11.52 18.70
C GLY C 12 8.51 12.23 19.08
N GLY C 13 9.57 11.50 19.41
CA GLY C 13 10.81 12.12 19.83
C GLY C 13 11.53 12.87 18.72
N ALA C 14 12.07 12.12 17.77
CA ALA C 14 12.79 12.66 16.64
C ALA C 14 12.33 11.94 15.38
N PRO C 15 12.48 12.57 14.22
CA PRO C 15 12.20 11.86 12.97
C PRO C 15 13.11 10.65 12.81
N LEU C 16 12.53 9.59 12.25
CA LEU C 16 13.28 8.37 12.02
C LEU C 16 14.46 8.65 11.08
N ARG C 17 15.63 8.15 11.44
CA ARG C 17 16.84 8.29 10.63
C ARG C 17 17.43 6.88 10.40
N VAL C 18 16.99 6.21 9.33
CA VAL C 18 17.40 4.83 9.08
C VAL C 18 18.91 4.76 8.79
N GLU C 19 19.53 3.64 9.17
CA GLU C 19 20.93 3.42 8.82
C GLU C 19 21.01 2.97 7.36
N LEU C 20 21.88 3.61 6.60
CA LEU C 20 21.98 3.42 5.15
C LEU C 20 23.32 2.78 4.79
N PRO C 21 23.42 2.14 3.61
CA PRO C 21 24.70 1.57 3.19
C PRO C 21 25.76 2.66 3.04
N THR C 22 27.00 2.28 3.25
CA THR C 22 28.05 3.29 3.35
C THR C 22 29.25 2.84 2.55
N CYS C 23 30.09 3.82 2.20
CA CYS C 23 31.22 3.60 1.32
CA CYS C 23 31.20 3.65 1.28
C CYS C 23 32.44 4.27 1.90
N MET C 24 33.49 3.47 2.08
CA MET C 24 34.72 3.97 2.67
C MET C 24 35.36 5.05 1.81
N TYR C 25 35.76 6.16 2.43
CA TYR C 25 36.28 7.27 1.64
C TYR C 25 37.66 6.95 1.11
N ARG C 26 38.06 7.71 0.11
CA ARG C 26 39.35 7.57 -0.52
C ARG C 26 40.19 8.83 -0.34
N LEU C 27 41.51 8.63 -0.24
CA LEU C 27 42.53 9.67 -0.27
C LEU C 27 43.24 9.64 -1.61
N PRO C 28 43.72 10.79 -2.08
CA PRO C 28 44.31 10.87 -3.42
C PRO C 28 45.71 10.25 -3.49
N ASN C 29 46.07 9.77 -4.69
CA ASN C 29 47.45 9.29 -4.91
C ASN C 29 48.45 10.43 -4.73
N VAL C 30 49.39 10.27 -3.78
CA VAL C 30 50.35 11.33 -3.54
C VAL C 30 51.27 11.50 -4.74
N HIS C 31 51.35 10.50 -5.63
CA HIS C 31 52.19 10.58 -6.81
C HIS C 31 51.37 11.02 -8.01
#